data_1X2G
#
_entry.id   1X2G
#
_cell.length_a   82.000
_cell.length_b   112.800
_cell.length_c   289.400
_cell.angle_alpha   90.00
_cell.angle_beta   90.00
_cell.angle_gamma   90.00
#
_symmetry.space_group_name_H-M   'C 2 2 21'
#
loop_
_entity.id
_entity.type
_entity.pdbx_description
1 polymer 'Lipoate-protein ligase A'
2 water water
#
_entity_poly.entity_id   1
_entity_poly.type   'polypeptide(L)'
_entity_poly.pdbx_seq_one_letter_code
;STLRLLISDSYDPWFNLAVEECIFRQ(MSE)PATQRVLFLWRNADTVVIGRAQNPWKECNTRR(MSE)EEDNVRLARRSS
GGGAVFHDLGNTCFTF(MSE)AGKPEYDKTISTSIVLNALNALGVSAEASGRNDLVVKTVEGDRKVSGSAYRETKDRGFH
HGTLLLNADLSRLANYLNPDKKKLAAKGITSVRSRVTNLTELLPGITHEQVCEAITEAFFAHYGERVEAEIISPNKTPDL
PNFAETFARQSSWEWNFGQAPAFSHLLDERFTWGGVELHFDVEKGHITRAQVFTDSLNPAPLEALAGRLQGCLYRAD
(MSE)LQQECEALLVDFPEQEKELRELSAW(MSE)AGAVR
;
_entity_poly.pdbx_strand_id   A,B,C
#
# COMPACT_ATOMS: atom_id res chain seq x y z
N SER A 1 -11.49 -24.34 20.46
CA SER A 1 -10.21 -25.08 20.74
C SER A 1 -9.06 -24.08 20.83
N THR A 2 -7.83 -24.56 20.72
CA THR A 2 -6.70 -23.64 20.57
C THR A 2 -6.31 -23.48 19.08
N LEU A 3 -7.01 -24.16 18.17
CA LEU A 3 -6.61 -24.24 16.77
C LEU A 3 -7.67 -23.62 15.90
N ARG A 4 -7.21 -22.95 14.85
CA ARG A 4 -8.07 -22.57 13.74
C ARG A 4 -7.53 -23.19 12.50
N LEU A 5 -8.40 -23.78 11.69
CA LEU A 5 -7.99 -24.31 10.42
C LEU A 5 -8.86 -23.67 9.33
N LEU A 6 -8.24 -22.83 8.47
CA LEU A 6 -8.93 -22.12 7.39
C LEU A 6 -8.46 -22.71 6.06
N ILE A 7 -9.43 -22.98 5.23
CA ILE A 7 -9.20 -23.63 3.97
C ILE A 7 -9.89 -22.71 3.00
N SER A 8 -9.12 -22.11 2.11
CA SER A 8 -9.70 -21.30 1.11
C SER A 8 -10.20 -22.07 -0.06
N ASP A 9 -11.47 -21.82 -0.38
CA ASP A 9 -12.09 -22.39 -1.58
C ASP A 9 -12.08 -21.38 -2.74
N SER A 10 -11.28 -20.32 -2.65
CA SER A 10 -11.21 -19.33 -3.72
C SER A 10 -9.81 -19.26 -4.38
N TYR A 11 -9.76 -19.06 -5.71
CA TYR A 11 -8.48 -18.79 -6.38
C TYR A 11 -8.15 -17.26 -6.49
N ASP A 12 -8.96 -16.45 -5.82
CA ASP A 12 -8.77 -14.99 -5.89
C ASP A 12 -7.59 -14.62 -5.01
N PRO A 13 -6.51 -14.12 -5.62
CA PRO A 13 -5.28 -13.81 -4.85
C PRO A 13 -5.43 -12.64 -3.90
N TRP A 14 -6.39 -11.74 -4.15
CA TRP A 14 -6.61 -10.55 -3.32
C TRP A 14 -7.38 -11.02 -2.09
N PHE A 15 -8.33 -11.94 -2.30
CA PHE A 15 -9.00 -12.62 -1.20
C PHE A 15 -8.06 -13.39 -0.33
N ASN A 16 -7.23 -14.27 -0.94
CA ASN A 16 -6.25 -15.05 -0.18
C ASN A 16 -5.20 -14.18 0.55
N LEU A 17 -4.79 -13.06 -0.05
CA LEU A 17 -3.80 -12.23 0.63
C LEU A 17 -4.44 -11.46 1.76
N ALA A 18 -5.72 -11.10 1.59
CA ALA A 18 -6.46 -10.35 2.60
C ALA A 18 -6.65 -11.24 3.83
N VAL A 19 -6.93 -12.52 3.63
CA VAL A 19 -6.93 -13.48 4.78
C VAL A 19 -5.63 -13.54 5.53
N GLU A 20 -4.55 -13.72 4.80
CA GLU A 20 -3.22 -13.60 5.39
C GLU A 20 -2.99 -12.32 6.16
N GLU A 21 -3.43 -11.19 5.61
CA GLU A 21 -3.31 -9.95 6.29
C GLU A 21 -4.14 -9.95 7.59
N CYS A 22 -5.33 -10.56 7.59
CA CYS A 22 -6.09 -10.71 8.87
C CYS A 22 -5.42 -11.62 9.92
N ILE A 23 -4.84 -12.75 9.48
CA ILE A 23 -4.06 -13.64 10.37
C ILE A 23 -2.89 -12.89 11.03
N PHE A 24 -2.18 -12.11 10.23
CA PHE A 24 -1.00 -11.42 10.70
C PHE A 24 -1.32 -10.26 11.65
N ARG A 25 -2.37 -9.50 11.37
CA ARG A 25 -2.60 -8.30 12.13
C ARG A 25 -3.97 -8.16 12.78
N GLN A 26 -4.97 -8.91 12.35
CA GLN A 26 -6.32 -8.67 12.83
C GLN A 26 -6.69 -9.62 13.92
N PRO A 28 -6.48 -12.27 17.05
CA PRO A 28 -5.78 -12.34 18.35
C PRO A 28 -4.66 -13.38 18.28
N ALA A 29 -3.52 -13.08 18.91
CA ALA A 29 -2.34 -13.94 18.84
C ALA A 29 -2.48 -15.18 19.72
N THR A 30 -3.72 -15.63 19.86
CA THR A 30 -4.12 -16.41 20.98
C THR A 30 -4.62 -17.77 20.58
N GLN A 31 -4.65 -18.06 19.27
CA GLN A 31 -4.86 -19.43 18.82
C GLN A 31 -3.74 -19.79 17.83
N ARG A 32 -3.70 -21.03 17.36
CA ARG A 32 -2.72 -21.46 16.40
C ARG A 32 -3.44 -21.68 15.10
N VAL A 33 -2.96 -21.03 14.05
CA VAL A 33 -3.73 -20.90 12.84
C VAL A 33 -3.06 -21.63 11.71
N LEU A 34 -3.80 -22.44 10.99
CA LEU A 34 -3.26 -22.92 9.73
C LEU A 34 -4.21 -22.52 8.65
N PHE A 35 -3.68 -21.90 7.59
CA PHE A 35 -4.50 -21.46 6.45
C PHE A 35 -3.89 -22.07 5.21
N LEU A 36 -4.72 -22.70 4.40
CA LEU A 36 -4.27 -23.44 3.23
C LEU A 36 -5.03 -22.93 2.02
N TRP A 37 -4.29 -22.58 0.98
CA TRP A 37 -4.94 -21.84 -0.13
C TRP A 37 -4.09 -21.98 -1.40
N ARG A 38 -4.67 -21.61 -2.53
CA ARG A 38 -3.87 -21.34 -3.73
C ARG A 38 -4.54 -20.28 -4.63
N ASN A 39 -3.77 -19.70 -5.56
CA ASN A 39 -4.28 -18.67 -6.43
C ASN A 39 -4.29 -19.10 -7.88
N ALA A 40 -5.23 -18.60 -8.68
CA ALA A 40 -5.09 -18.77 -10.15
C ALA A 40 -4.02 -17.76 -10.61
N ASP A 41 -3.66 -17.78 -11.90
CA ASP A 41 -2.50 -17.04 -12.46
C ASP A 41 -2.35 -15.61 -11.97
N THR A 42 -1.20 -15.30 -11.35
CA THR A 42 -1.02 -14.04 -10.70
C THR A 42 0.46 -13.70 -10.65
N VAL A 43 0.82 -12.44 -10.89
CA VAL A 43 2.17 -11.97 -10.47
C VAL A 43 1.95 -11.25 -9.16
N VAL A 44 2.66 -11.66 -8.13
CA VAL A 44 2.64 -10.92 -6.86
C VAL A 44 3.94 -10.16 -6.78
N ILE A 45 3.82 -8.83 -6.65
CA ILE A 45 4.97 -7.92 -6.52
C ILE A 45 5.14 -7.39 -5.08
N GLY A 46 6.35 -7.00 -4.71
CA GLY A 46 6.57 -6.48 -3.36
C GLY A 46 5.92 -5.10 -3.22
N ARG A 47 5.86 -4.55 -2.01
CA ARG A 47 5.09 -3.36 -1.81
C ARG A 47 5.72 -2.13 -2.43
N ALA A 48 7.05 -2.17 -2.64
CA ALA A 48 7.74 -1.01 -3.18
C ALA A 48 8.11 -1.07 -4.65
N GLN A 49 7.54 -1.97 -5.41
CA GLN A 49 7.96 -2.20 -6.81
C GLN A 49 7.08 -1.35 -7.68
N ASN A 50 7.57 -1.01 -8.86
CA ASN A 50 6.75 -0.24 -9.80
C ASN A 50 6.37 -1.19 -10.93
N PRO A 51 5.10 -1.62 -10.99
CA PRO A 51 4.73 -2.65 -11.97
C PRO A 51 4.80 -2.16 -13.39
N TRP A 52 4.81 -0.84 -13.60
CA TRP A 52 4.75 -0.32 -14.95
C TRP A 52 6.16 -0.41 -15.59
N LYS A 53 7.18 -0.44 -14.75
CA LYS A 53 8.53 -0.78 -15.19
C LYS A 53 8.78 -2.32 -15.20
N GLU A 54 8.36 -3.02 -14.16
CA GLU A 54 8.67 -4.41 -13.96
C GLU A 54 7.89 -5.35 -14.86
N CYS A 55 6.64 -5.03 -15.14
CA CYS A 55 5.76 -6.00 -15.77
C CYS A 55 5.39 -5.65 -17.22
N ASN A 56 5.27 -6.69 -18.04
CA ASN A 56 4.70 -6.51 -19.32
C ASN A 56 3.19 -6.59 -19.10
N THR A 57 2.59 -5.42 -18.88
CA THR A 57 1.19 -5.35 -18.51
C THR A 57 0.28 -5.65 -19.69
N ARG A 58 0.68 -5.22 -20.88
CA ARG A 58 -0.08 -5.60 -22.06
C ARG A 58 -0.19 -7.15 -22.18
N ARG A 59 0.94 -7.87 -22.10
CA ARG A 59 0.91 -9.35 -22.11
C ARG A 59 0.06 -9.98 -21.00
N GLU A 61 -2.61 -8.59 -19.51
CA GLU A 61 -3.99 -8.43 -19.89
C GLU A 61 -4.37 -9.47 -20.98
N GLU A 62 -3.54 -9.62 -22.04
CA GLU A 62 -3.84 -10.53 -23.13
C GLU A 62 -3.92 -11.94 -22.61
N ASP A 63 -3.06 -12.33 -21.65
CA ASP A 63 -3.07 -13.70 -21.15
C ASP A 63 -3.93 -13.90 -19.92
N ASN A 64 -4.62 -12.82 -19.50
CA ASN A 64 -5.48 -12.85 -18.30
C ASN A 64 -4.76 -13.22 -17.01
N VAL A 65 -3.57 -12.65 -16.78
CA VAL A 65 -2.78 -12.84 -15.58
C VAL A 65 -2.99 -11.61 -14.65
N ARG A 66 -3.24 -11.90 -13.36
CA ARG A 66 -3.62 -10.94 -12.37
C ARG A 66 -2.37 -10.26 -11.80
N LEU A 67 -2.53 -9.05 -11.25
CA LEU A 67 -1.48 -8.45 -10.47
C LEU A 67 -1.91 -8.33 -9.02
N ALA A 68 -1.06 -8.78 -8.10
CA ALA A 68 -1.35 -8.49 -6.70
C ALA A 68 -0.14 -7.89 -6.06
N ARG A 69 -0.34 -6.87 -5.22
CA ARG A 69 0.76 -6.32 -4.48
C ARG A 69 0.69 -6.80 -3.06
N ARG A 70 1.77 -7.36 -2.56
CA ARG A 70 1.81 -7.77 -1.17
C ARG A 70 2.39 -6.66 -0.31
N SER A 71 2.30 -6.82 0.99
CA SER A 71 2.62 -5.71 1.85
C SER A 71 4.06 -5.81 2.38
N SER A 72 4.73 -6.92 2.14
CA SER A 72 6.17 -7.00 2.37
C SER A 72 6.98 -6.56 1.09
N GLY A 73 8.29 -6.39 1.26
CA GLY A 73 9.18 -6.03 0.18
C GLY A 73 9.46 -7.19 -0.77
N GLY A 74 10.57 -7.08 -1.51
CA GLY A 74 11.00 -8.20 -2.38
C GLY A 74 10.53 -8.00 -3.78
N GLY A 75 10.84 -9.00 -4.63
CA GLY A 75 10.61 -8.93 -6.11
C GLY A 75 9.37 -9.73 -6.53
N ALA A 76 9.20 -9.94 -7.86
CA ALA A 76 8.02 -10.61 -8.39
C ALA A 76 8.02 -12.17 -8.27
N VAL A 77 6.84 -12.74 -7.98
CA VAL A 77 6.61 -14.15 -7.77
C VAL A 77 5.44 -14.58 -8.69
N PHE A 78 5.43 -15.79 -9.21
CA PHE A 78 4.31 -16.18 -10.11
C PHE A 78 3.54 -17.23 -9.36
N HIS A 79 2.21 -17.10 -9.36
CA HIS A 79 1.39 -18.11 -8.73
C HIS A 79 0.49 -18.69 -9.75
N ASP A 80 0.28 -20.01 -9.63
CA ASP A 80 -0.86 -20.61 -10.29
C ASP A 80 -1.36 -21.68 -9.40
N LEU A 81 -2.22 -22.52 -9.97
CA LEU A 81 -2.97 -23.47 -9.23
C LEU A 81 -2.13 -24.69 -8.92
N GLY A 82 -0.95 -24.79 -9.53
CA GLY A 82 0.01 -25.88 -9.25
C GLY A 82 0.93 -25.53 -8.08
N ASN A 83 0.65 -24.39 -7.42
CA ASN A 83 1.30 -24.01 -6.17
C ASN A 83 0.30 -24.22 -5.07
N THR A 84 0.69 -24.85 -3.95
CA THR A 84 -0.20 -25.02 -2.80
C THR A 84 0.45 -24.26 -1.71
N CYS A 85 -0.31 -23.41 -1.04
CA CYS A 85 0.28 -22.40 -0.24
C CYS A 85 -0.22 -22.63 1.14
N PHE A 86 0.56 -22.22 2.13
CA PHE A 86 0.23 -22.46 3.55
C PHE A 86 0.63 -21.21 4.35
N THR A 87 -0.14 -20.90 5.37
CA THR A 87 0.23 -19.81 6.33
C THR A 87 -0.05 -20.34 7.73
N PHE A 88 0.97 -20.34 8.59
CA PHE A 88 0.83 -20.67 10.04
C PHE A 88 1.06 -19.41 10.83
N ALA A 90 1.24 -18.22 15.23
CA ALA A 90 0.99 -18.56 16.63
C ALA A 90 1.59 -17.54 17.55
N GLY A 91 1.06 -17.44 18.75
CA GLY A 91 1.53 -16.46 19.72
C GLY A 91 2.91 -16.79 20.23
N LYS A 92 3.63 -15.74 20.61
CA LYS A 92 4.89 -15.91 21.30
C LYS A 92 4.57 -16.01 22.82
N PRO A 93 5.49 -16.57 23.64
CA PRO A 93 6.83 -17.17 23.31
C PRO A 93 6.73 -18.57 22.72
N GLU A 94 5.54 -19.16 22.91
CA GLU A 94 5.25 -20.55 22.54
C GLU A 94 5.78 -21.01 21.16
N TYR A 95 5.65 -20.17 20.13
CA TYR A 95 5.97 -20.52 18.72
C TYR A 95 7.32 -19.98 18.22
N ASP A 96 7.96 -20.71 17.30
CA ASP A 96 9.16 -20.26 16.58
C ASP A 96 9.13 -20.94 15.22
N LYS A 97 10.02 -20.55 14.31
CA LYS A 97 9.91 -21.05 12.94
C LYS A 97 9.97 -22.56 12.80
N THR A 98 10.57 -23.26 13.77
CA THR A 98 10.89 -24.71 13.68
C THR A 98 9.67 -25.62 13.68
N ILE A 99 8.65 -25.26 14.47
CA ILE A 99 7.37 -25.97 14.53
C ILE A 99 6.66 -26.18 13.15
N SER A 100 6.25 -25.07 12.54
CA SER A 100 5.63 -25.11 11.22
C SER A 100 6.51 -25.81 10.19
N THR A 101 7.80 -25.53 10.19
CA THR A 101 8.74 -26.22 9.27
C THR A 101 8.71 -27.75 9.46
N SER A 102 8.76 -28.16 10.71
CA SER A 102 8.63 -29.58 11.01
C SER A 102 7.26 -30.16 10.58
N ILE A 103 6.19 -29.40 10.78
CA ILE A 103 4.85 -29.86 10.39
C ILE A 103 4.80 -30.15 8.87
N VAL A 104 5.38 -29.25 8.07
CA VAL A 104 5.37 -29.39 6.59
C VAL A 104 6.27 -30.55 6.12
N LEU A 105 7.44 -30.70 6.77
CA LEU A 105 8.32 -31.84 6.53
C LEU A 105 7.67 -33.15 6.82
N ASN A 106 6.92 -33.23 7.93
CA ASN A 106 6.23 -34.45 8.28
C ASN A 106 5.18 -34.70 7.27
N ALA A 107 4.54 -33.63 6.80
CA ALA A 107 3.47 -33.75 5.82
C ALA A 107 4.05 -34.38 4.57
N LEU A 108 5.19 -33.85 4.15
CA LEU A 108 5.88 -34.31 2.96
C LEU A 108 6.36 -35.78 3.06
N ASN A 109 6.98 -36.12 4.21
CA ASN A 109 7.24 -37.52 4.62
C ASN A 109 5.99 -38.39 4.54
N ALA A 110 4.87 -37.95 5.12
CA ALA A 110 3.70 -38.80 5.06
C ALA A 110 3.27 -39.10 3.63
N LEU A 111 3.75 -38.32 2.67
CA LEU A 111 3.38 -38.44 1.25
C LEU A 111 4.38 -39.28 0.47
N GLY A 112 5.53 -39.56 1.09
CA GLY A 112 6.51 -40.44 0.49
C GLY A 112 7.62 -39.61 -0.08
N VAL A 113 7.74 -38.39 0.42
CA VAL A 113 8.80 -37.56 -0.06
C VAL A 113 9.79 -37.29 1.08
N SER A 114 11.06 -37.56 0.80
CA SER A 114 12.17 -37.24 1.73
C SER A 114 12.68 -35.80 1.49
N ALA A 115 12.29 -34.89 2.37
CA ALA A 115 12.65 -33.50 2.22
C ALA A 115 13.41 -33.06 3.45
N GLU A 116 14.13 -31.95 3.32
CA GLU A 116 14.95 -31.39 4.40
C GLU A 116 14.92 -29.86 4.29
N ALA A 117 15.11 -29.14 5.41
CA ALA A 117 15.38 -27.70 5.35
C ALA A 117 16.69 -27.38 4.62
N SER A 118 16.73 -26.25 3.94
CA SER A 118 17.91 -25.78 3.24
C SER A 118 17.94 -24.25 3.22
N GLY A 119 18.76 -23.66 4.09
CA GLY A 119 18.79 -22.21 4.25
C GLY A 119 17.73 -21.82 5.29
N ARG A 120 17.45 -20.51 5.39
CA ARG A 120 16.47 -20.07 6.41
C ARG A 120 15.04 -20.27 5.88
N ASN A 121 14.91 -20.40 4.54
CA ASN A 121 13.61 -20.36 3.85
C ASN A 121 13.09 -21.61 3.14
N ASP A 122 13.97 -22.36 2.50
CA ASP A 122 13.60 -23.41 1.55
C ASP A 122 13.46 -24.81 2.10
N LEU A 123 12.70 -25.64 1.40
CA LEU A 123 12.69 -27.09 1.58
C LEU A 123 13.15 -27.72 0.32
N VAL A 124 13.88 -28.81 0.49
CA VAL A 124 14.66 -29.39 -0.58
C VAL A 124 14.50 -30.91 -0.45
N VAL A 125 14.41 -31.57 -1.61
CA VAL A 125 14.47 -33.01 -1.69
C VAL A 125 15.90 -33.38 -2.11
N LYS A 126 16.49 -34.35 -1.42
CA LYS A 126 17.78 -34.92 -1.81
C LYS A 126 17.61 -35.80 -3.04
N THR A 127 18.48 -35.60 -4.02
CA THR A 127 18.34 -36.26 -5.31
C THR A 127 19.72 -36.79 -5.73
N VAL A 128 19.71 -37.85 -6.53
CA VAL A 128 20.93 -38.39 -7.09
C VAL A 128 21.71 -37.23 -7.78
N GLU A 129 20.99 -36.42 -8.56
CA GLU A 129 21.52 -35.21 -9.22
C GLU A 129 21.58 -33.93 -8.30
N GLY A 130 21.60 -34.09 -6.98
CA GLY A 130 21.64 -32.94 -6.05
C GLY A 130 20.29 -32.39 -5.57
N ASP A 131 20.37 -31.42 -4.64
CA ASP A 131 19.21 -30.79 -3.98
C ASP A 131 18.27 -30.08 -4.93
N ARG A 132 16.99 -30.43 -4.82
CA ARG A 132 15.94 -29.80 -5.62
C ARG A 132 14.92 -29.12 -4.72
N LYS A 133 14.69 -27.85 -5.01
CA LYS A 133 13.79 -27.01 -4.22
C LYS A 133 12.33 -27.36 -4.50
N VAL A 134 11.57 -27.62 -3.42
CA VAL A 134 10.14 -27.90 -3.55
C VAL A 134 9.26 -26.89 -2.81
N SER A 135 9.88 -25.97 -2.07
CA SER A 135 9.15 -25.03 -1.26
C SER A 135 9.94 -23.75 -0.99
N GLY A 136 9.26 -22.62 -1.14
CA GLY A 136 9.81 -21.33 -0.72
C GLY A 136 8.96 -20.84 0.44
N SER A 137 9.54 -20.01 1.29
CA SER A 137 8.75 -19.45 2.35
C SER A 137 9.35 -18.13 2.86
N ALA A 138 8.67 -17.51 3.82
CA ALA A 138 9.14 -16.32 4.51
C ALA A 138 8.61 -16.38 5.91
N TYR A 139 9.36 -15.87 6.86
CA TYR A 139 8.95 -15.88 8.24
C TYR A 139 9.02 -14.48 8.82
N ARG A 140 8.02 -14.08 9.59
CA ARG A 140 7.97 -12.75 10.21
C ARG A 140 7.57 -12.83 11.65
N GLU A 141 8.13 -11.92 12.44
CA GLU A 141 7.78 -11.84 13.84
C GLU A 141 7.23 -10.49 14.22
N THR A 142 6.38 -10.53 15.22
CA THR A 142 5.72 -9.38 15.72
C THR A 142 6.09 -9.31 17.21
N LYS A 143 5.49 -8.40 17.95
CA LYS A 143 5.63 -8.40 19.40
C LYS A 143 4.83 -9.56 20.01
N ASP A 144 3.61 -9.80 19.50
CA ASP A 144 2.75 -10.88 20.00
C ASP A 144 2.78 -12.24 19.27
N ARG A 145 3.42 -12.36 18.11
CA ARG A 145 3.26 -13.57 17.28
C ARG A 145 4.41 -13.94 16.33
N GLY A 146 4.37 -15.16 15.83
CA GLY A 146 5.24 -15.55 14.73
C GLY A 146 4.37 -15.95 13.55
N PHE A 147 4.86 -15.82 12.34
CA PHE A 147 4.02 -15.93 11.17
C PHE A 147 4.85 -16.54 10.06
N HIS A 148 4.36 -17.62 9.47
CA HIS A 148 5.15 -18.37 8.50
C HIS A 148 4.32 -18.77 7.31
N HIS A 149 4.79 -18.41 6.13
CA HIS A 149 4.06 -18.76 4.95
C HIS A 149 4.94 -19.09 3.79
N GLY A 150 4.46 -19.97 2.93
CA GLY A 150 5.26 -20.36 1.79
C GLY A 150 4.41 -21.14 0.84
N THR A 151 5.08 -21.66 -0.21
CA THR A 151 4.39 -22.43 -1.23
C THR A 151 5.06 -23.80 -1.41
N LEU A 152 4.27 -24.75 -1.85
CA LEU A 152 4.79 -26.01 -2.27
C LEU A 152 4.56 -26.14 -3.78
N LEU A 153 5.56 -26.60 -4.49
CA LEU A 153 5.46 -26.74 -5.92
C LEU A 153 4.93 -28.13 -6.25
N LEU A 154 3.66 -28.21 -6.61
CA LEU A 154 3.08 -29.49 -6.96
C LEU A 154 3.17 -29.62 -8.47
N ASN A 155 2.69 -28.62 -9.17
CA ASN A 155 2.64 -28.72 -10.63
C ASN A 155 2.62 -27.32 -11.29
N ALA A 156 3.47 -26.46 -10.73
CA ALA A 156 3.64 -25.08 -11.14
C ALA A 156 4.24 -25.03 -12.56
N ASP A 157 3.74 -24.13 -13.40
CA ASP A 157 4.53 -23.81 -14.59
C ASP A 157 5.63 -22.80 -14.26
N LEU A 158 6.85 -23.27 -14.42
CA LEU A 158 8.03 -22.61 -13.91
C LEU A 158 8.56 -21.62 -14.93
N SER A 159 8.23 -21.83 -16.20
CA SER A 159 8.70 -20.92 -17.25
C SER A 159 7.96 -19.54 -17.22
N ARG A 160 6.68 -19.55 -16.92
CA ARG A 160 5.77 -18.42 -17.14
C ARG A 160 6.15 -17.03 -16.63
N LEU A 161 6.78 -16.92 -15.46
CA LEU A 161 7.09 -15.62 -14.85
C LEU A 161 7.81 -14.69 -15.81
N ALA A 162 8.88 -15.19 -16.42
CA ALA A 162 9.71 -14.47 -17.38
C ALA A 162 8.93 -13.87 -18.55
N ASN A 163 7.81 -14.50 -18.96
CA ASN A 163 6.99 -13.86 -19.99
C ASN A 163 6.27 -12.60 -19.54
N TYR A 164 6.28 -12.27 -18.24
CA TYR A 164 5.43 -11.13 -17.81
C TYR A 164 6.28 -10.06 -17.22
N LEU A 165 7.58 -10.28 -17.21
CA LEU A 165 8.47 -9.26 -16.69
C LEU A 165 9.19 -8.61 -17.85
N ASN A 166 9.46 -7.31 -17.72
CA ASN A 166 10.28 -6.60 -18.68
C ASN A 166 11.78 -6.92 -18.48
N PRO A 167 12.57 -6.85 -19.58
CA PRO A 167 14.03 -6.96 -19.33
C PRO A 167 14.55 -5.78 -18.47
N ASP A 168 15.41 -6.12 -17.52
CA ASP A 168 16.06 -5.13 -16.67
C ASP A 168 17.56 -5.13 -17.01
N LYS A 169 18.01 -4.20 -17.85
CA LYS A 169 19.43 -4.19 -18.31
C LYS A 169 20.48 -4.15 -17.18
N LYS A 170 20.27 -3.33 -16.15
CA LYS A 170 21.24 -3.23 -15.04
C LYS A 170 21.21 -4.45 -14.13
N LYS A 171 20.04 -5.08 -14.00
CA LYS A 171 19.94 -6.36 -13.30
C LYS A 171 20.71 -7.37 -14.12
N LEU A 172 20.54 -7.26 -15.45
CA LEU A 172 21.27 -8.11 -16.40
C LEU A 172 22.80 -7.89 -16.38
N ALA A 173 23.23 -6.62 -16.45
CA ALA A 173 24.65 -6.22 -16.32
C ALA A 173 25.29 -6.76 -15.02
N ALA A 174 24.61 -6.62 -13.87
CA ALA A 174 25.01 -7.27 -12.60
C ALA A 174 24.86 -8.81 -12.65
N LYS A 175 25.21 -9.51 -11.58
CA LYS A 175 25.24 -10.98 -11.64
C LYS A 175 25.03 -11.71 -10.30
N GLY A 176 25.74 -11.27 -9.25
CA GLY A 176 25.62 -11.85 -7.91
C GLY A 176 26.67 -12.91 -7.63
N ARG A 183 17.40 -26.17 -10.22
CA ARG A 183 17.29 -25.81 -8.78
C ARG A 183 15.97 -26.31 -8.23
N VAL A 184 14.90 -26.08 -8.97
CA VAL A 184 13.55 -26.31 -8.49
C VAL A 184 12.87 -27.51 -9.17
N THR A 185 12.01 -28.22 -8.43
CA THR A 185 11.24 -29.33 -8.99
C THR A 185 9.77 -29.32 -8.58
N ASN A 186 8.91 -29.83 -9.45
CA ASN A 186 7.51 -30.07 -9.09
C ASN A 186 7.32 -31.42 -8.33
N LEU A 187 6.38 -31.47 -7.38
CA LEU A 187 6.20 -32.68 -6.63
C LEU A 187 5.64 -33.75 -7.54
N THR A 188 4.96 -33.30 -8.57
CA THR A 188 4.32 -34.14 -9.55
C THR A 188 5.35 -34.98 -10.36
N GLU A 189 6.63 -34.58 -10.28
CA GLU A 189 7.78 -35.30 -10.83
C GLU A 189 8.12 -36.56 -10.06
N LEU A 190 7.82 -36.57 -8.77
CA LEU A 190 7.97 -37.73 -7.92
C LEU A 190 6.64 -38.48 -7.73
N LEU A 191 5.60 -37.70 -7.49
CA LEU A 191 4.29 -38.18 -7.10
C LEU A 191 3.26 -37.86 -8.18
N PRO A 192 3.14 -38.71 -9.20
CA PRO A 192 2.38 -38.23 -10.36
C PRO A 192 0.89 -37.95 -10.04
N GLY A 193 0.34 -38.60 -9.04
CA GLY A 193 -1.08 -38.34 -8.81
C GLY A 193 -1.41 -37.13 -7.93
N ILE A 194 -0.41 -36.45 -7.39
CA ILE A 194 -0.64 -35.63 -6.25
C ILE A 194 -1.51 -34.36 -6.51
N THR A 195 -2.48 -34.13 -5.63
CA THR A 195 -3.37 -33.05 -5.77
C THR A 195 -3.20 -32.10 -4.60
N HIS A 196 -3.80 -30.92 -4.81
CA HIS A 196 -3.86 -29.89 -3.83
C HIS A 196 -4.52 -30.36 -2.55
N GLU A 197 -5.68 -30.98 -2.72
CA GLU A 197 -6.43 -31.56 -1.63
C GLU A 197 -5.63 -32.62 -0.82
N GLN A 198 -4.83 -33.45 -1.48
CA GLN A 198 -4.02 -34.43 -0.74
C GLN A 198 -2.96 -33.80 0.12
N VAL A 199 -2.31 -32.74 -0.40
CA VAL A 199 -1.24 -32.05 0.33
C VAL A 199 -1.79 -31.20 1.48
N CYS A 200 -2.91 -30.53 1.23
CA CYS A 200 -3.69 -29.95 2.28
C CYS A 200 -4.06 -30.94 3.36
N GLU A 201 -4.64 -32.07 2.99
CA GLU A 201 -4.95 -33.17 3.95
C GLU A 201 -3.68 -33.55 4.75
N ALA A 202 -2.57 -33.84 4.08
CA ALA A 202 -1.31 -34.16 4.74
C ALA A 202 -0.78 -33.08 5.70
N ILE A 203 -0.86 -31.79 5.34
CA ILE A 203 -0.38 -30.72 6.26
C ILE A 203 -1.31 -30.55 7.47
N THR A 204 -2.62 -30.61 7.23
CA THR A 204 -3.57 -30.59 8.33
C THR A 204 -3.34 -31.68 9.39
N GLU A 205 -3.17 -32.94 8.97
CA GLU A 205 -2.83 -34.06 9.87
C GLU A 205 -1.55 -33.83 10.62
N ALA A 206 -0.52 -33.35 9.94
CA ALA A 206 0.73 -33.09 10.62
C ALA A 206 0.55 -31.92 11.60
N PHE A 207 -0.36 -31.00 11.29
CA PHE A 207 -0.72 -29.88 12.19
C PHE A 207 -1.52 -30.36 13.44
N PHE A 208 -2.63 -31.08 13.22
CA PHE A 208 -3.38 -31.76 14.33
C PHE A 208 -2.49 -32.72 15.19
N ALA A 209 -1.68 -33.56 14.54
CA ALA A 209 -0.73 -34.43 15.27
C ALA A 209 0.20 -33.64 16.17
N HIS A 210 0.65 -32.46 15.72
CA HIS A 210 1.59 -31.68 16.51
C HIS A 210 0.98 -31.08 17.79
N TYR A 211 -0.26 -30.62 17.67
CA TYR A 211 -0.89 -29.91 18.77
C TYR A 211 -1.80 -30.80 19.63
N GLY A 212 -1.94 -32.07 19.22
CA GLY A 212 -2.73 -33.06 19.96
C GLY A 212 -4.21 -32.77 19.95
N GLU A 213 -4.67 -32.09 18.90
CA GLU A 213 -6.03 -31.57 18.86
C GLU A 213 -6.51 -31.55 17.43
N ARG A 214 -7.84 -31.52 17.26
CA ARG A 214 -8.48 -31.43 15.96
C ARG A 214 -9.58 -30.42 16.04
N VAL A 215 -9.84 -29.76 14.90
CA VAL A 215 -10.92 -28.82 14.76
C VAL A 215 -11.53 -29.01 13.38
N GLU A 216 -12.76 -28.55 13.21
CA GLU A 216 -13.36 -28.52 11.89
C GLU A 216 -12.74 -27.39 11.03
N ALA A 217 -12.57 -27.71 9.74
CA ALA A 217 -12.13 -26.78 8.75
C ALA A 217 -13.21 -25.73 8.58
N GLU A 218 -12.85 -24.44 8.70
CA GLU A 218 -13.66 -23.32 8.16
C GLU A 218 -13.29 -23.12 6.69
N ILE A 219 -14.23 -23.43 5.81
CA ILE A 219 -14.04 -23.32 4.35
C ILE A 219 -14.51 -21.88 3.99
N ILE A 220 -13.63 -21.11 3.37
CA ILE A 220 -13.89 -19.69 3.23
C ILE A 220 -13.73 -19.26 1.77
N SER A 221 -14.53 -18.28 1.36
CA SER A 221 -14.49 -17.75 -0.02
C SER A 221 -15.09 -16.33 -0.02
N PRO A 222 -14.88 -15.54 -1.10
CA PRO A 222 -15.36 -14.16 -1.18
C PRO A 222 -16.88 -14.04 -1.06
N ASN A 223 -17.68 -15.02 -1.46
CA ASN A 223 -19.13 -14.82 -1.39
C ASN A 223 -19.78 -14.57 0.01
N LYS A 224 -19.05 -14.82 1.09
CA LYS A 224 -19.44 -14.45 2.47
C LYS A 224 -18.24 -14.08 3.35
N THR A 225 -18.46 -13.29 4.37
CA THR A 225 -17.41 -12.87 5.30
C THR A 225 -16.81 -14.07 6.11
N PRO A 226 -15.48 -14.30 6.01
CA PRO A 226 -14.85 -15.19 6.97
C PRO A 226 -14.92 -14.62 8.40
N ASP A 227 -14.72 -15.50 9.38
CA ASP A 227 -14.74 -15.11 10.76
C ASP A 227 -13.35 -14.55 11.10
N LEU A 228 -13.15 -13.31 10.68
CA LEU A 228 -11.90 -12.58 10.78
C LEU A 228 -12.29 -11.12 11.01
N PRO A 229 -11.68 -10.47 12.02
CA PRO A 229 -12.12 -9.12 12.28
C PRO A 229 -11.70 -8.15 11.15
N ASN A 230 -12.54 -7.17 10.80
CA ASN A 230 -12.17 -6.14 9.86
C ASN A 230 -11.90 -6.67 8.47
N PHE A 231 -12.41 -7.87 8.19
CA PHE A 231 -12.21 -8.47 6.92
C PHE A 231 -12.70 -7.68 5.71
N ALA A 232 -13.97 -7.22 5.74
CA ALA A 232 -14.57 -6.50 4.63
C ALA A 232 -13.68 -5.40 4.16
N GLU A 233 -13.21 -4.55 5.08
CA GLU A 233 -12.31 -3.43 4.77
C GLU A 233 -10.92 -3.85 4.25
N THR A 234 -10.31 -4.87 4.88
CA THR A 234 -9.02 -5.40 4.46
C THR A 234 -9.08 -5.95 3.02
N PHE A 235 -10.13 -6.71 2.71
CA PHE A 235 -10.45 -7.20 1.39
C PHE A 235 -10.78 -6.07 0.33
N ALA A 236 -11.51 -5.02 0.73
CA ALA A 236 -11.75 -3.90 -0.17
C ALA A 236 -10.39 -3.24 -0.52
N ARG A 237 -9.57 -2.96 0.48
CA ARG A 237 -8.24 -2.40 0.20
C ARG A 237 -7.30 -3.30 -0.63
N GLN A 238 -7.16 -4.56 -0.23
CA GLN A 238 -6.24 -5.48 -0.86
C GLN A 238 -6.56 -5.69 -2.34
N SER A 239 -7.85 -5.74 -2.70
CA SER A 239 -8.20 -5.91 -4.09
C SER A 239 -8.37 -4.59 -4.88
N SER A 240 -8.00 -3.45 -4.32
CA SER A 240 -8.28 -2.24 -5.06
C SER A 240 -7.15 -1.96 -6.09
N TRP A 241 -7.54 -1.57 -7.31
CA TRP A 241 -6.57 -1.18 -8.37
C TRP A 241 -5.51 -0.21 -7.87
N GLU A 242 -5.93 0.78 -7.12
CA GLU A 242 -5.01 1.74 -6.58
C GLU A 242 -3.92 1.20 -5.68
N TRP A 243 -4.16 0.08 -5.03
CA TRP A 243 -3.13 -0.58 -4.21
C TRP A 243 -2.32 -1.55 -5.04
N ASN A 244 -2.95 -2.36 -5.86
CA ASN A 244 -2.19 -3.35 -6.61
C ASN A 244 -1.34 -2.69 -7.69
N PHE A 245 -1.95 -1.78 -8.44
CA PHE A 245 -1.19 -1.07 -9.45
C PHE A 245 -0.73 0.26 -8.99
N GLY A 246 -1.66 1.22 -8.91
CA GLY A 246 -1.31 2.62 -8.80
C GLY A 246 -0.96 3.18 -10.19
N GLN A 247 -0.85 4.50 -10.23
CA GLN A 247 -0.54 5.21 -11.43
C GLN A 247 0.98 5.16 -11.66
N ALA A 248 1.41 5.13 -12.91
CA ALA A 248 2.82 5.22 -13.18
C ALA A 248 3.42 6.54 -12.60
N PRO A 249 4.67 6.46 -12.11
CA PRO A 249 5.37 7.69 -11.72
C PRO A 249 5.61 8.65 -12.90
N ALA A 250 5.32 9.95 -12.70
CA ALA A 250 5.49 10.98 -13.75
C ALA A 250 6.34 12.13 -13.22
N PHE A 251 7.65 11.96 -13.41
CA PHE A 251 8.68 12.86 -12.95
C PHE A 251 9.61 13.22 -14.11
N SER A 252 10.37 14.27 -13.95
CA SER A 252 11.21 14.73 -15.02
C SER A 252 12.62 14.14 -14.93
N HIS A 253 13.05 13.68 -13.75
CA HIS A 253 14.37 13.02 -13.57
C HIS A 253 14.24 11.56 -13.05
N LEU A 254 15.24 10.73 -13.32
CA LEU A 254 15.21 9.34 -12.91
C LEU A 254 16.64 8.96 -12.71
N LEU A 255 16.97 8.46 -11.52
CA LEU A 255 18.26 7.80 -11.24
C LEU A 255 17.98 6.41 -10.77
N ASP A 256 18.75 5.46 -11.28
CA ASP A 256 18.51 4.05 -10.94
C ASP A 256 19.82 3.24 -10.90
N GLU A 257 19.80 2.17 -10.13
CA GLU A 257 20.95 1.39 -9.87
C GLU A 257 20.51 0.04 -9.35
N ARG A 258 21.35 -0.97 -9.56
CA ARG A 258 21.13 -2.33 -9.11
C ARG A 258 22.26 -2.53 -8.14
N PHE A 259 21.96 -2.68 -6.86
CA PHE A 259 22.90 -3.08 -5.86
C PHE A 259 22.75 -4.60 -5.63
N THR A 260 23.66 -5.16 -4.85
CA THR A 260 23.58 -6.55 -4.44
C THR A 260 22.29 -6.86 -3.67
N TRP A 261 21.74 -5.87 -2.95
CA TRP A 261 20.54 -6.11 -2.11
C TRP A 261 19.26 -5.65 -2.79
N GLY A 262 19.36 -5.21 -4.03
CA GLY A 262 18.18 -4.82 -4.76
C GLY A 262 18.44 -3.65 -5.70
N GLY A 263 17.55 -3.52 -6.69
CA GLY A 263 17.48 -2.35 -7.52
C GLY A 263 16.61 -1.28 -6.91
N VAL A 264 16.95 -0.05 -7.27
CA VAL A 264 16.38 1.19 -6.77
C VAL A 264 16.14 2.10 -7.95
N GLU A 265 14.90 2.61 -8.07
CA GLU A 265 14.60 3.73 -8.96
C GLU A 265 14.15 4.93 -8.20
N LEU A 266 14.79 6.04 -8.46
CA LEU A 266 14.50 7.27 -7.81
C LEU A 266 14.09 8.28 -8.84
N HIS A 267 12.79 8.63 -8.77
CA HIS A 267 12.12 9.60 -9.66
C HIS A 267 11.97 10.89 -8.85
N PHE A 268 12.23 12.04 -9.46
CA PHE A 268 12.04 13.31 -8.75
C PHE A 268 11.98 14.48 -9.72
N ASP A 269 11.53 15.64 -9.23
CA ASP A 269 11.51 16.92 -9.94
C ASP A 269 12.44 17.84 -9.17
N VAL A 270 13.12 18.75 -9.89
CA VAL A 270 14.00 19.76 -9.30
C VAL A 270 13.50 21.10 -9.82
N GLU A 271 13.23 22.04 -8.91
CA GLU A 271 12.93 23.41 -9.25
C GLU A 271 13.57 24.33 -8.21
N LYS A 272 14.17 25.43 -8.71
CA LYS A 272 14.99 26.29 -7.93
C LYS A 272 16.00 25.56 -7.10
N GLY A 273 16.72 24.65 -7.76
CA GLY A 273 17.81 23.92 -7.09
C GLY A 273 17.41 22.94 -5.99
N HIS A 274 16.11 22.77 -5.73
CA HIS A 274 15.66 21.84 -4.69
C HIS A 274 14.70 20.82 -5.28
N ILE A 275 14.62 19.66 -4.65
CA ILE A 275 13.65 18.62 -5.05
C ILE A 275 12.26 19.02 -4.60
N THR A 276 11.32 19.08 -5.56
CA THR A 276 9.96 19.47 -5.23
C THR A 276 9.03 18.25 -5.02
N ARG A 277 9.48 17.06 -5.41
CA ARG A 277 8.70 15.85 -5.26
C ARG A 277 9.61 14.73 -5.70
N ALA A 278 9.43 13.54 -5.11
CA ALA A 278 10.27 12.41 -5.32
C ALA A 278 9.57 11.12 -4.92
N GLN A 279 9.89 10.05 -5.62
CA GLN A 279 9.36 8.73 -5.33
C GLN A 279 10.42 7.68 -5.67
N VAL A 280 10.59 6.74 -4.73
CA VAL A 280 11.52 5.65 -4.80
C VAL A 280 10.79 4.29 -5.00
N PHE A 281 11.31 3.45 -5.87
CA PHE A 281 10.86 2.11 -6.01
C PHE A 281 11.99 1.16 -5.74
N THR A 282 11.68 -0.03 -5.24
CA THR A 282 12.72 -1.06 -5.03
C THR A 282 12.19 -2.46 -4.86
N ASP A 283 13.03 -3.47 -5.14
CA ASP A 283 12.69 -4.89 -4.94
C ASP A 283 13.48 -5.49 -3.79
N SER A 284 14.07 -4.58 -3.04
CA SER A 284 14.72 -4.89 -1.81
C SER A 284 13.76 -5.57 -0.84
N LEU A 285 14.28 -6.51 -0.08
CA LEU A 285 13.51 -7.30 0.88
C LEU A 285 13.02 -6.46 2.03
N ASN A 286 13.82 -5.49 2.48
CA ASN A 286 13.33 -4.44 3.37
C ASN A 286 13.37 -3.04 2.74
N PRO A 287 12.23 -2.63 2.15
CA PRO A 287 12.07 -1.29 1.56
C PRO A 287 11.96 -0.15 2.56
N ALA A 288 11.78 -0.40 3.86
CA ALA A 288 11.58 0.71 4.83
C ALA A 288 12.63 1.84 4.74
N PRO A 289 13.95 1.53 4.80
CA PRO A 289 14.94 2.63 4.62
C PRO A 289 14.87 3.37 3.28
N LEU A 290 14.44 2.75 2.19
CA LEU A 290 14.18 3.49 0.95
C LEU A 290 12.96 4.35 0.95
N GLU A 291 11.89 3.89 1.63
CA GLU A 291 10.64 4.65 1.69
C GLU A 291 10.94 5.86 2.53
N ALA A 292 11.73 5.67 3.61
CA ALA A 292 12.07 6.78 4.50
C ALA A 292 13.07 7.72 3.84
N LEU A 293 13.96 7.24 2.96
CA LEU A 293 14.77 8.18 2.09
C LEU A 293 13.90 9.04 1.19
N ALA A 294 13.02 8.42 0.41
CA ALA A 294 12.04 9.17 -0.33
C ALA A 294 11.38 10.26 0.58
N GLY A 295 11.01 9.89 1.82
CA GLY A 295 10.38 10.80 2.78
C GLY A 295 11.26 12.01 3.08
N ARG A 296 12.54 11.78 3.30
CA ARG A 296 13.52 12.85 3.61
C ARG A 296 14.05 13.62 2.39
N LEU A 297 13.82 13.13 1.17
CA LEU A 297 14.27 13.85 -0.01
C LEU A 297 13.38 15.03 -0.42
N GLN A 298 12.14 15.10 0.06
CA GLN A 298 11.22 16.15 -0.34
C GLN A 298 11.81 17.49 0.09
N GLY A 299 11.91 18.44 -0.83
CA GLY A 299 12.35 19.76 -0.45
C GLY A 299 13.85 19.86 -0.31
N CYS A 300 14.56 18.75 -0.48
CA CYS A 300 16.01 18.71 -0.29
C CYS A 300 16.76 19.55 -1.35
N LEU A 301 17.83 20.22 -0.94
CA LEU A 301 18.75 20.80 -1.90
C LEU A 301 19.31 19.69 -2.79
N TYR A 302 19.18 19.89 -4.10
CA TYR A 302 19.70 18.95 -5.04
C TYR A 302 21.21 19.17 -5.18
N ARG A 303 21.96 18.56 -4.28
CA ARG A 303 23.37 18.73 -4.26
C ARG A 303 23.85 17.61 -3.35
N ALA A 304 24.92 16.95 -3.75
CA ALA A 304 25.43 15.74 -3.10
C ALA A 304 25.59 15.83 -1.60
N ASP A 305 26.08 16.95 -1.09
CA ASP A 305 26.27 17.10 0.34
C ASP A 305 24.96 16.88 1.12
N LEU A 307 21.98 15.53 -0.27
CA LEU A 307 21.47 14.18 -0.54
C LEU A 307 22.06 13.18 0.42
N GLN A 308 23.35 13.30 0.70
CA GLN A 308 23.99 12.41 1.62
C GLN A 308 23.65 12.69 3.10
N GLN A 309 23.53 13.96 3.48
CA GLN A 309 23.11 14.28 4.82
C GLN A 309 21.72 13.63 5.10
N GLU A 310 20.79 13.72 4.15
CA GLU A 310 19.44 13.24 4.42
C GLU A 310 19.40 11.72 4.55
N CYS A 311 20.19 11.11 3.68
CA CYS A 311 20.23 9.70 3.56
C CYS A 311 20.88 9.12 4.83
N GLU A 312 21.97 9.77 5.26
CA GLU A 312 22.68 9.30 6.44
C GLU A 312 22.08 9.64 7.80
N ALA A 313 21.21 10.61 7.85
CA ALA A 313 20.43 10.92 9.05
C ALA A 313 19.55 9.72 9.54
N LEU A 314 19.15 8.87 8.59
CA LEU A 314 18.44 7.61 8.84
C LEU A 314 19.23 6.47 9.53
N LEU A 315 20.56 6.43 9.42
CA LEU A 315 21.36 5.34 10.03
C LEU A 315 20.95 4.91 11.46
N VAL A 316 20.77 5.87 12.38
CA VAL A 316 20.43 5.56 13.77
C VAL A 316 19.20 4.66 13.90
N ASP A 317 18.24 4.83 13.00
CA ASP A 317 17.00 4.05 13.05
C ASP A 317 17.00 2.80 12.19
N PHE A 318 18.05 2.59 11.37
CA PHE A 318 18.15 1.35 10.57
C PHE A 318 19.48 0.57 10.76
N PRO A 319 19.78 0.14 12.00
CA PRO A 319 21.12 -0.42 12.20
C PRO A 319 21.39 -1.59 11.26
N GLU A 320 20.38 -2.42 11.02
CA GLU A 320 20.57 -3.65 10.22
C GLU A 320 20.70 -3.37 8.74
N GLN A 321 20.41 -2.12 8.34
CA GLN A 321 20.49 -1.77 6.94
C GLN A 321 21.54 -0.71 6.72
N GLU A 322 22.61 -0.70 7.52
CA GLU A 322 23.61 0.40 7.44
C GLU A 322 24.41 0.37 6.13
N LYS A 323 24.68 -0.84 5.66
CA LYS A 323 25.32 -1.04 4.36
C LYS A 323 24.46 -0.54 3.23
N GLU A 324 23.21 -0.95 3.18
CA GLU A 324 22.26 -0.40 2.21
C GLU A 324 22.34 1.12 2.16
N LEU A 325 22.21 1.80 3.32
CA LEU A 325 22.22 3.26 3.36
C LEU A 325 23.57 3.93 2.96
N ARG A 326 24.71 3.33 3.32
CA ARG A 326 26.07 3.81 2.98
C ARG A 326 26.25 3.75 1.45
N GLU A 327 25.82 2.65 0.87
CA GLU A 327 25.80 2.51 -0.58
C GLU A 327 24.89 3.46 -1.30
N LEU A 328 23.64 3.62 -0.88
CA LEU A 328 22.72 4.59 -1.52
C LEU A 328 23.34 5.98 -1.47
N SER A 329 23.83 6.33 -0.29
CA SER A 329 24.42 7.60 -0.08
C SER A 329 25.65 7.86 -1.02
N ALA A 330 26.59 6.90 -1.10
CA ALA A 330 27.72 7.02 -2.01
C ALA A 330 27.25 7.11 -3.44
N TRP A 331 26.27 6.29 -3.82
CA TRP A 331 25.77 6.26 -5.18
C TRP A 331 25.11 7.60 -5.58
N ALA A 333 25.82 10.57 -4.28
CA ALA A 333 26.89 11.57 -4.38
C ALA A 333 27.54 11.51 -5.79
N GLY A 334 27.86 10.29 -6.22
CA GLY A 334 28.39 10.06 -7.56
C GLY A 334 27.43 10.37 -8.67
N ALA A 335 26.14 10.09 -8.49
CA ALA A 335 25.18 10.20 -9.62
C ALA A 335 24.70 11.59 -9.92
N VAL A 336 24.88 12.51 -8.97
CA VAL A 336 24.28 13.84 -9.09
C VAL A 336 25.11 14.83 -9.90
N ARG A 337 26.36 15.04 -9.49
CA ARG A 337 27.37 15.73 -10.34
C ARG A 337 27.19 15.48 -11.87
N SER B 1 -10.86 23.12 -30.74
CA SER B 1 -11.43 21.92 -31.43
C SER B 1 -12.80 21.65 -30.89
N THR B 2 -13.71 21.08 -31.68
CA THR B 2 -15.03 20.79 -31.16
C THR B 2 -15.20 19.30 -30.84
N LEU B 3 -14.13 18.55 -31.13
CA LEU B 3 -14.16 17.07 -31.10
C LEU B 3 -13.20 16.61 -30.04
N ARG B 4 -13.55 15.48 -29.39
CA ARG B 4 -12.66 14.75 -28.49
C ARG B 4 -12.52 13.33 -29.00
N LEU B 5 -11.29 12.90 -29.26
CA LEU B 5 -11.06 11.58 -29.71
C LEU B 5 -10.31 10.83 -28.62
N LEU B 6 -10.96 9.84 -28.05
CA LEU B 6 -10.35 9.06 -26.98
C LEU B 6 -10.09 7.65 -27.48
N ILE B 7 -8.85 7.22 -27.36
CA ILE B 7 -8.47 5.87 -27.74
C ILE B 7 -7.94 5.16 -26.48
N SER B 8 -8.61 4.06 -26.06
CA SER B 8 -8.09 3.27 -24.95
C SER B 8 -6.99 2.30 -25.41
N ASP B 9 -5.87 2.36 -24.70
CA ASP B 9 -4.78 1.45 -24.88
C ASP B 9 -4.77 0.40 -23.73
N SER B 10 -5.94 0.19 -23.13
CA SER B 10 -6.08 -0.73 -22.02
C SER B 10 -7.20 -1.66 -22.35
N TYR B 11 -7.04 -2.94 -21.98
CA TYR B 11 -8.09 -3.97 -22.08
C TYR B 11 -8.76 -4.19 -20.72
N ASP B 12 -8.39 -3.38 -19.72
CA ASP B 12 -9.04 -3.39 -18.41
C ASP B 12 -10.52 -2.91 -18.58
N PRO B 13 -11.50 -3.83 -18.40
CA PRO B 13 -12.91 -3.50 -18.62
C PRO B 13 -13.48 -2.46 -17.66
N TRP B 14 -12.93 -2.39 -16.45
CA TRP B 14 -13.35 -1.49 -15.39
C TRP B 14 -12.89 -0.11 -15.79
N PHE B 15 -11.64 -0.01 -16.25
CA PHE B 15 -11.13 1.24 -16.84
C PHE B 15 -12.02 1.78 -17.96
N ASN B 16 -12.29 0.92 -18.93
CA ASN B 16 -13.05 1.33 -20.11
C ASN B 16 -14.49 1.66 -19.75
N LEU B 17 -15.10 0.93 -18.82
CA LEU B 17 -16.46 1.29 -18.37
C LEU B 17 -16.40 2.62 -17.58
N ALA B 18 -15.31 2.84 -16.85
CA ALA B 18 -15.20 4.09 -16.12
C ALA B 18 -15.13 5.29 -17.10
N VAL B 19 -14.43 5.13 -18.23
CA VAL B 19 -14.31 6.18 -19.24
C VAL B 19 -15.66 6.50 -19.80
N GLU B 20 -16.43 5.47 -20.17
CA GLU B 20 -17.81 5.62 -20.62
C GLU B 20 -18.70 6.31 -19.60
N GLU B 21 -18.48 6.02 -18.33
CA GLU B 21 -19.37 6.54 -17.30
C GLU B 21 -19.09 8.04 -17.20
N CYS B 22 -17.82 8.44 -17.25
CA CYS B 22 -17.47 9.86 -17.34
C CYS B 22 -18.07 10.56 -18.54
N ILE B 23 -17.98 9.93 -19.71
CA ILE B 23 -18.55 10.46 -20.91
C ILE B 23 -20.08 10.64 -20.72
N PHE B 24 -20.71 9.62 -20.16
CA PHE B 24 -22.16 9.66 -20.03
C PHE B 24 -22.61 10.68 -19.00
N ARG B 25 -21.92 10.79 -17.87
CA ARG B 25 -22.41 11.71 -16.85
C ARG B 25 -21.46 12.63 -16.11
N GLN B 26 -20.18 12.63 -16.41
CA GLN B 26 -19.26 13.59 -15.75
C GLN B 26 -18.89 14.75 -16.64
N PRO B 28 -19.35 17.67 -19.43
CA PRO B 28 -20.39 18.49 -20.06
C PRO B 28 -20.65 18.02 -21.51
N ALA B 29 -21.89 18.14 -21.95
CA ALA B 29 -22.30 17.70 -23.28
C ALA B 29 -22.04 18.77 -24.32
N THR B 30 -20.90 19.45 -24.25
CA THR B 30 -20.66 20.61 -25.10
C THR B 30 -19.68 20.35 -26.28
N GLN B 31 -19.02 19.19 -26.27
CA GLN B 31 -18.19 18.73 -27.39
C GLN B 31 -18.70 17.37 -27.95
N ARG B 32 -18.22 16.97 -29.13
CA ARG B 32 -18.56 15.67 -29.70
C ARG B 32 -17.46 14.67 -29.38
N VAL B 33 -17.89 13.53 -28.81
CA VAL B 33 -16.93 12.52 -28.27
C VAL B 33 -17.01 11.17 -29.03
N LEU B 34 -15.86 10.66 -29.44
CA LEU B 34 -15.74 9.30 -29.93
C LEU B 34 -14.69 8.62 -29.07
N PHE B 35 -15.07 7.48 -28.50
CA PHE B 35 -14.21 6.66 -27.66
C PHE B 35 -14.21 5.27 -28.26
N LEU B 36 -13.01 4.81 -28.53
CA LEU B 36 -12.73 3.56 -29.20
C LEU B 36 -11.90 2.69 -28.25
N TRP B 37 -12.38 1.46 -28.04
CA TRP B 37 -11.79 0.64 -26.99
C TRP B 37 -12.11 -0.83 -27.23
N ARG B 38 -11.40 -1.69 -26.52
CA ARG B 38 -11.84 -3.07 -26.33
C ARG B 38 -11.38 -3.68 -24.96
N ASN B 39 -12.09 -4.71 -24.53
CA ASN B 39 -11.83 -5.40 -23.28
C ASN B 39 -11.26 -6.78 -23.53
N ALA B 40 -10.32 -7.20 -22.69
CA ALA B 40 -9.99 -8.65 -22.61
C ALA B 40 -11.17 -9.42 -21.97
N ASP B 41 -11.02 -10.74 -21.82
CA ASP B 41 -12.15 -11.63 -21.44
C ASP B 41 -12.96 -11.15 -20.22
N THR B 42 -14.24 -10.86 -20.43
CA THR B 42 -15.05 -10.27 -19.39
C THR B 42 -16.46 -10.71 -19.64
N VAL B 43 -17.16 -11.05 -18.56
CA VAL B 43 -18.65 -11.07 -18.58
C VAL B 43 -19.14 -9.77 -17.93
N VAL B 44 -19.93 -8.97 -18.65
CA VAL B 44 -20.48 -7.72 -18.11
C VAL B 44 -21.95 -8.02 -17.75
N ILE B 45 -22.32 -7.82 -16.48
CA ILE B 45 -23.74 -8.04 -16.00
C ILE B 45 -24.47 -6.71 -15.73
N GLY B 46 -25.79 -6.72 -15.74
CA GLY B 46 -26.58 -5.55 -15.37
C GLY B 46 -26.51 -5.26 -13.87
N ARG B 47 -26.84 -4.03 -13.51
CA ARG B 47 -26.72 -3.58 -12.11
C ARG B 47 -27.54 -4.38 -11.15
N ALA B 48 -28.56 -5.09 -11.63
CA ALA B 48 -29.43 -5.77 -10.71
C ALA B 48 -29.29 -7.29 -10.75
N GLN B 49 -28.28 -7.81 -11.42
CA GLN B 49 -28.11 -9.27 -11.48
C GLN B 49 -27.29 -9.75 -10.27
N ASN B 50 -27.49 -11.02 -9.97
CA ASN B 50 -26.77 -11.71 -8.94
C ASN B 50 -25.75 -12.62 -9.59
N PRO B 51 -24.47 -12.23 -9.62
CA PRO B 51 -23.43 -13.00 -10.35
C PRO B 51 -23.20 -14.42 -9.77
N TRP B 52 -23.44 -14.62 -8.47
CA TRP B 52 -23.24 -15.92 -7.80
C TRP B 52 -24.25 -16.93 -8.30
N LYS B 53 -25.41 -16.43 -8.67
CA LYS B 53 -26.43 -17.29 -9.26
C LYS B 53 -26.26 -17.36 -10.80
N GLU B 54 -25.99 -16.22 -11.47
CA GLU B 54 -25.86 -16.22 -12.92
C GLU B 54 -24.60 -16.88 -13.50
N CYS B 55 -23.47 -16.70 -12.83
CA CYS B 55 -22.19 -17.08 -13.37
C CYS B 55 -21.62 -18.34 -12.73
N ASN B 56 -20.89 -19.10 -13.53
CA ASN B 56 -19.95 -20.10 -13.06
C ASN B 56 -18.65 -19.41 -12.63
N THR B 57 -18.59 -19.01 -11.36
CA THR B 57 -17.49 -18.17 -10.87
C THR B 57 -16.19 -18.92 -10.76
N ARG B 58 -16.27 -20.21 -10.41
CA ARG B 58 -15.10 -21.08 -10.32
C ARG B 58 -14.44 -21.28 -11.70
N ARG B 59 -15.24 -21.53 -12.74
CA ARG B 59 -14.70 -21.60 -14.08
C ARG B 59 -14.12 -20.24 -14.53
N GLU B 61 -12.80 -17.97 -12.51
CA GLU B 61 -11.48 -17.92 -11.87
C GLU B 61 -10.44 -18.76 -12.57
N GLU B 62 -10.77 -19.98 -12.96
CA GLU B 62 -9.77 -20.86 -13.64
C GLU B 62 -9.29 -20.28 -14.99
N ASP B 63 -10.22 -19.68 -15.75
CA ASP B 63 -9.88 -19.07 -17.04
C ASP B 63 -9.42 -17.63 -16.89
N ASN B 64 -9.60 -17.10 -15.67
CA ASN B 64 -9.25 -15.73 -15.40
C ASN B 64 -10.17 -14.79 -16.31
N VAL B 65 -11.44 -15.16 -16.44
CA VAL B 65 -12.48 -14.30 -17.06
C VAL B 65 -12.97 -13.25 -16.01
N ARG B 66 -12.81 -11.97 -16.36
CA ARG B 66 -13.17 -10.92 -15.44
C ARG B 66 -14.70 -10.74 -15.34
N LEU B 67 -15.18 -10.20 -14.22
CA LEU B 67 -16.57 -9.80 -14.08
C LEU B 67 -16.68 -8.27 -13.95
N ALA B 68 -17.61 -7.64 -14.63
CA ALA B 68 -17.78 -6.18 -14.50
C ALA B 68 -19.25 -5.95 -14.42
N ARG B 69 -19.69 -5.15 -13.46
CA ARG B 69 -21.11 -4.74 -13.38
C ARG B 69 -21.30 -3.35 -14.06
N ARG B 70 -22.31 -3.18 -14.90
CA ARG B 70 -22.56 -1.86 -15.54
C ARG B 70 -23.73 -1.23 -14.79
N SER B 71 -24.01 0.03 -15.08
CA SER B 71 -25.00 0.84 -14.37
C SER B 71 -26.37 0.65 -14.86
N SER B 72 -26.49 0.32 -16.14
CA SER B 72 -27.77 0.05 -16.71
C SER B 72 -28.23 -1.40 -16.34
N GLY B 73 -29.50 -1.72 -16.57
CA GLY B 73 -29.93 -3.08 -16.32
C GLY B 73 -29.64 -4.05 -17.45
N GLY B 74 -30.43 -5.11 -17.55
CA GLY B 74 -30.20 -6.05 -18.60
C GLY B 74 -29.41 -7.26 -18.10
N GLY B 75 -29.01 -8.12 -19.06
CA GLY B 75 -28.43 -9.43 -18.80
C GLY B 75 -26.94 -9.39 -19.11
N ALA B 76 -26.33 -10.58 -19.08
CA ALA B 76 -24.90 -10.81 -19.18
C ALA B 76 -24.45 -10.80 -20.64
N VAL B 77 -23.24 -10.30 -20.85
CA VAL B 77 -22.70 -9.98 -22.15
C VAL B 77 -21.20 -10.35 -22.04
N PHE B 78 -20.68 -11.06 -23.02
CA PHE B 78 -19.26 -11.49 -23.01
C PHE B 78 -18.43 -10.58 -23.92
N HIS B 79 -17.23 -10.18 -23.50
CA HIS B 79 -16.30 -9.33 -24.28
C HIS B 79 -15.00 -10.04 -24.37
N ASP B 80 -14.39 -9.99 -25.54
CA ASP B 80 -13.01 -10.36 -25.73
C ASP B 80 -12.34 -9.38 -26.71
N LEU B 81 -11.06 -9.64 -26.99
CA LEU B 81 -10.30 -8.79 -27.92
C LEU B 81 -10.79 -8.83 -29.40
N GLY B 82 -11.66 -9.78 -29.76
CA GLY B 82 -12.28 -9.84 -31.09
C GLY B 82 -13.49 -8.96 -31.24
N ASN B 83 -13.85 -8.24 -30.16
CA ASN B 83 -14.89 -7.19 -30.17
C ASN B 83 -14.16 -5.84 -30.22
N THR B 84 -14.54 -4.98 -31.16
CA THR B 84 -14.04 -3.60 -31.25
C THR B 84 -15.20 -2.69 -30.85
N CYS B 85 -15.05 -1.91 -29.76
CA CYS B 85 -16.17 -1.14 -29.23
C CYS B 85 -16.01 0.35 -29.43
N PHE B 86 -17.15 1.02 -29.51
CA PHE B 86 -17.19 2.46 -29.76
C PHE B 86 -18.26 3.07 -28.87
N THR B 87 -18.02 4.31 -28.49
CA THR B 87 -18.96 5.10 -27.71
C THR B 87 -18.96 6.49 -28.36
N PHE B 88 -20.14 7.01 -28.65
CA PHE B 88 -20.35 8.35 -29.17
C PHE B 88 -21.20 9.12 -28.23
N ALA B 90 -22.78 13.34 -27.88
CA ALA B 90 -22.91 14.75 -28.25
C ALA B 90 -24.16 15.37 -27.65
N GLY B 91 -24.07 16.66 -27.37
CA GLY B 91 -25.15 17.46 -26.77
C GLY B 91 -26.38 17.53 -27.67
N LYS B 92 -27.53 17.64 -27.03
CA LYS B 92 -28.76 18.00 -27.71
C LYS B 92 -28.79 19.54 -27.86
N PRO B 93 -29.53 20.08 -28.84
CA PRO B 93 -30.41 19.40 -29.79
C PRO B 93 -29.70 18.91 -31.06
N GLU B 94 -28.44 19.24 -31.23
CA GLU B 94 -27.74 18.88 -32.47
C GLU B 94 -27.63 17.37 -32.80
N TYR B 95 -27.49 16.51 -31.78
CA TYR B 95 -27.19 15.13 -32.08
C TYR B 95 -28.29 14.20 -31.67
N ASP B 96 -28.56 13.25 -32.55
CA ASP B 96 -29.51 12.13 -32.35
C ASP B 96 -28.84 10.85 -32.89
N LYS B 97 -29.50 9.70 -32.70
CA LYS B 97 -28.91 8.37 -33.03
C LYS B 97 -28.48 8.16 -34.48
N THR B 98 -29.04 8.93 -35.41
CA THR B 98 -28.74 8.72 -36.82
C THR B 98 -27.36 9.21 -37.21
N ILE B 99 -26.81 10.16 -36.45
CA ILE B 99 -25.49 10.69 -36.76
C ILE B 99 -24.44 9.61 -36.56
N SER B 100 -24.43 9.00 -35.37
CA SER B 100 -23.47 7.92 -35.05
C SER B 100 -23.61 6.65 -35.91
N THR B 101 -24.82 6.12 -36.07
CA THR B 101 -25.14 4.97 -36.99
C THR B 101 -24.52 5.15 -38.39
N SER B 102 -24.70 6.35 -38.96
CA SER B 102 -24.17 6.69 -40.28
C SER B 102 -22.65 6.71 -40.35
N ILE B 103 -22.02 7.29 -39.33
CA ILE B 103 -20.56 7.30 -39.21
C ILE B 103 -20.00 5.89 -39.17
N VAL B 104 -20.70 5.00 -38.44
CA VAL B 104 -20.22 3.60 -38.37
C VAL B 104 -20.57 2.86 -39.69
N LEU B 105 -21.82 3.04 -40.19
CA LEU B 105 -22.14 2.59 -41.58
C LEU B 105 -21.11 3.07 -42.59
N ASN B 106 -20.82 4.37 -42.61
CA ASN B 106 -19.82 4.91 -43.56
C ASN B 106 -18.48 4.27 -43.41
N ALA B 107 -18.12 3.93 -42.17
CA ALA B 107 -16.80 3.33 -41.87
C ALA B 107 -16.69 1.86 -42.33
N LEU B 108 -17.76 1.10 -42.16
CA LEU B 108 -17.78 -0.25 -42.68
C LEU B 108 -17.60 -0.28 -44.20
N ASN B 109 -18.50 0.40 -44.91
CA ASN B 109 -18.35 0.60 -46.35
C ASN B 109 -16.92 1.02 -46.67
N ALA B 110 -16.39 2.03 -46.00
CA ALA B 110 -15.02 2.47 -46.30
C ALA B 110 -14.00 1.33 -46.24
N LEU B 111 -14.35 0.26 -45.51
CA LEU B 111 -13.41 -0.83 -45.24
C LEU B 111 -13.56 -1.99 -46.23
N GLY B 112 -14.77 -2.13 -46.77
CA GLY B 112 -15.11 -3.15 -47.73
C GLY B 112 -16.50 -3.77 -47.55
N VAL B 113 -17.35 -3.19 -46.71
CA VAL B 113 -18.49 -3.96 -46.21
C VAL B 113 -19.81 -3.22 -46.34
N SER B 114 -20.62 -3.63 -47.30
CA SER B 114 -21.94 -3.04 -47.44
C SER B 114 -22.83 -3.60 -46.34
N ALA B 115 -23.24 -2.73 -45.44
CA ALA B 115 -23.97 -3.16 -44.28
C ALA B 115 -25.08 -2.19 -43.98
N GLU B 116 -26.09 -2.64 -43.25
CA GLU B 116 -27.34 -1.92 -43.13
C GLU B 116 -27.90 -2.11 -41.75
N ALA B 117 -28.72 -1.15 -41.30
CA ALA B 117 -29.45 -1.24 -40.06
C ALA B 117 -30.44 -2.41 -40.05
N SER B 118 -31.03 -2.67 -38.89
CA SER B 118 -32.16 -3.61 -38.75
C SER B 118 -32.60 -3.65 -37.30
N GLY B 119 -33.89 -3.35 -37.08
CA GLY B 119 -34.45 -3.25 -35.73
C GLY B 119 -33.90 -2.02 -35.03
N ARG B 120 -33.95 -2.03 -33.69
CA ARG B 120 -33.43 -0.91 -32.91
C ARG B 120 -31.89 -0.77 -32.98
N ASN B 121 -31.17 -1.89 -32.87
CA ASN B 121 -29.78 -1.86 -32.42
C ASN B 121 -28.68 -2.43 -33.33
N ASP B 122 -29.07 -3.13 -34.40
CA ASP B 122 -28.17 -4.05 -35.11
C ASP B 122 -27.67 -3.51 -36.44
N LEU B 123 -26.57 -4.08 -36.91
CA LEU B 123 -26.02 -3.78 -38.23
C LEU B 123 -25.67 -5.06 -38.99
N VAL B 124 -26.34 -5.27 -40.12
CA VAL B 124 -26.30 -6.55 -40.84
C VAL B 124 -25.70 -6.44 -42.24
N VAL B 125 -25.19 -7.57 -42.76
CA VAL B 125 -24.90 -7.75 -44.20
C VAL B 125 -25.86 -8.80 -44.82
N LYS B 126 -26.82 -8.33 -45.61
CA LYS B 126 -27.76 -9.19 -46.37
C LYS B 126 -26.96 -10.07 -47.35
N THR B 127 -27.05 -11.39 -47.15
CA THR B 127 -26.34 -12.37 -47.98
C THR B 127 -27.30 -13.05 -48.97
N VAL B 128 -27.15 -14.36 -49.15
CA VAL B 128 -28.22 -15.15 -49.80
C VAL B 128 -28.77 -16.21 -48.83
N GLU B 129 -27.97 -16.50 -47.80
CA GLU B 129 -28.39 -17.27 -46.59
C GLU B 129 -29.34 -16.45 -45.71
N GLY B 130 -29.50 -15.17 -46.04
CA GLY B 130 -30.35 -14.24 -45.30
C GLY B 130 -29.55 -13.12 -44.67
N ASP B 131 -29.86 -12.81 -43.41
CA ASP B 131 -29.23 -11.71 -42.66
C ASP B 131 -28.00 -12.10 -41.85
N ARG B 132 -27.01 -11.19 -41.80
CA ARG B 132 -25.80 -11.42 -40.99
C ARG B 132 -25.38 -10.24 -40.10
N LYS B 133 -25.71 -10.32 -38.80
CA LYS B 133 -25.28 -9.29 -37.81
C LYS B 133 -23.76 -9.21 -37.61
N VAL B 134 -23.19 -8.01 -37.84
CA VAL B 134 -21.75 -7.70 -37.62
C VAL B 134 -21.54 -6.72 -36.44
N SER B 135 -22.63 -6.26 -35.85
CA SER B 135 -22.59 -5.21 -34.86
C SER B 135 -23.93 -5.09 -34.17
N GLY B 136 -23.90 -4.82 -32.89
CA GLY B 136 -25.09 -4.51 -32.08
C GLY B 136 -24.73 -3.28 -31.25
N SER B 137 -25.73 -2.52 -30.82
CA SER B 137 -25.47 -1.32 -30.07
C SER B 137 -26.61 -1.02 -29.12
N ALA B 138 -26.37 -0.13 -28.16
CA ALA B 138 -27.42 0.51 -27.40
C ALA B 138 -27.33 2.06 -27.46
N TYR B 139 -28.47 2.75 -27.34
CA TYR B 139 -28.58 4.23 -27.24
C TYR B 139 -29.24 4.70 -25.92
N ARG B 140 -28.73 5.75 -25.29
CA ARG B 140 -29.41 6.45 -24.17
C ARG B 140 -29.47 7.98 -24.41
N GLU B 141 -30.56 8.59 -23.97
CA GLU B 141 -30.67 10.03 -23.97
C GLU B 141 -30.91 10.54 -22.60
N THR B 142 -30.49 11.77 -22.37
CA THR B 142 -30.91 12.55 -21.23
C THR B 142 -31.49 13.80 -21.87
N LYS B 143 -31.70 14.81 -21.06
CA LYS B 143 -32.08 16.08 -21.63
C LYS B 143 -30.89 16.75 -22.34
N ASP B 144 -29.68 16.73 -21.76
CA ASP B 144 -28.54 17.42 -22.44
C ASP B 144 -27.79 16.69 -23.58
N ARG B 145 -27.88 15.35 -23.63
CA ARG B 145 -27.03 14.54 -24.53
C ARG B 145 -27.68 13.26 -25.08
N GLY B 146 -27.23 12.81 -26.24
CA GLY B 146 -27.45 11.43 -26.66
C GLY B 146 -26.18 10.62 -26.44
N PHE B 147 -26.32 9.29 -26.35
CA PHE B 147 -25.18 8.39 -26.00
C PHE B 147 -25.29 7.07 -26.73
N HIS B 148 -24.35 6.81 -27.62
CA HIS B 148 -24.46 5.61 -28.43
C HIS B 148 -23.22 4.79 -28.22
N HIS B 149 -23.38 3.53 -27.86
CA HIS B 149 -22.22 2.64 -27.90
C HIS B 149 -22.54 1.28 -28.50
N GLY B 150 -21.53 0.63 -29.00
CA GLY B 150 -21.75 -0.68 -29.56
C GLY B 150 -20.47 -1.42 -29.76
N THR B 151 -20.61 -2.54 -30.44
CA THR B 151 -19.54 -3.51 -30.68
C THR B 151 -19.58 -3.84 -32.13
N LEU B 152 -18.38 -4.04 -32.70
CA LEU B 152 -18.18 -4.67 -33.99
C LEU B 152 -17.50 -6.05 -33.81
N LEU B 153 -18.13 -7.10 -34.34
CA LEU B 153 -17.57 -8.45 -34.23
C LEU B 153 -16.46 -8.64 -35.25
N LEU B 154 -15.22 -8.61 -34.83
CA LEU B 154 -14.17 -8.76 -35.80
C LEU B 154 -13.78 -10.21 -35.77
N ASN B 155 -13.44 -10.67 -34.57
CA ASN B 155 -12.91 -12.01 -34.39
C ASN B 155 -13.33 -12.63 -33.03
N ALA B 156 -14.64 -12.56 -32.82
CA ALA B 156 -15.25 -12.76 -31.55
C ALA B 156 -15.56 -14.26 -31.40
N ASP B 157 -15.28 -14.85 -30.25
CA ASP B 157 -15.79 -16.21 -29.99
C ASP B 157 -17.17 -16.20 -29.31
N LEU B 158 -18.13 -16.73 -30.05
CA LEU B 158 -19.56 -16.56 -29.76
C LEU B 158 -20.08 -17.65 -28.80
N SER B 159 -19.36 -18.75 -28.74
CA SER B 159 -19.80 -19.84 -27.92
C SER B 159 -19.34 -19.66 -26.46
N ARG B 160 -18.58 -18.60 -26.16
CA ARG B 160 -17.86 -18.49 -24.89
C ARG B 160 -18.74 -18.12 -23.71
N LEU B 161 -19.68 -17.18 -23.90
CA LEU B 161 -20.61 -16.82 -22.84
C LEU B 161 -21.23 -18.07 -22.13
N ALA B 162 -21.75 -19.02 -22.92
CA ALA B 162 -22.34 -20.23 -22.32
C ALA B 162 -21.39 -20.95 -21.38
N ASN B 163 -20.08 -20.89 -21.61
CA ASN B 163 -19.14 -21.54 -20.68
C ASN B 163 -19.10 -20.96 -19.28
N TYR B 164 -19.57 -19.70 -19.09
CA TYR B 164 -19.37 -19.00 -17.81
C TYR B 164 -20.65 -18.74 -17.06
N LEU B 165 -21.77 -19.05 -17.71
CA LEU B 165 -23.09 -18.95 -17.12
C LEU B 165 -23.59 -20.30 -16.59
N ASN B 166 -24.32 -20.26 -15.48
CA ASN B 166 -25.04 -21.43 -14.99
C ASN B 166 -26.34 -21.54 -15.75
N PRO B 167 -26.81 -22.78 -16.03
CA PRO B 167 -28.09 -22.95 -16.76
C PRO B 167 -29.26 -22.37 -15.94
N ASP B 168 -30.17 -21.67 -16.60
CA ASP B 168 -31.34 -21.05 -15.93
C ASP B 168 -32.59 -21.82 -16.40
N LYS B 169 -33.11 -22.68 -15.52
CA LYS B 169 -34.26 -23.57 -15.77
C LYS B 169 -35.51 -22.84 -16.23
N LYS B 170 -35.97 -21.85 -15.43
CA LYS B 170 -37.19 -21.08 -15.77
C LYS B 170 -37.07 -20.31 -17.09
N LYS B 171 -35.86 -19.84 -17.40
CA LYS B 171 -35.56 -19.11 -18.65
C LYS B 171 -35.52 -20.06 -19.84
N LEU B 172 -35.03 -21.28 -19.62
CA LEU B 172 -34.99 -22.30 -20.67
C LEU B 172 -36.41 -22.86 -20.90
N ALA B 173 -37.22 -22.90 -19.85
CA ALA B 173 -38.64 -23.27 -19.95
C ALA B 173 -39.57 -22.18 -20.51
N ALA B 174 -39.13 -20.91 -20.52
CA ALA B 174 -39.98 -19.77 -20.94
C ALA B 174 -39.99 -19.52 -22.44
N LYS B 175 -38.81 -19.20 -23.00
CA LYS B 175 -38.62 -19.15 -24.45
C LYS B 175 -37.64 -20.22 -24.91
N ARG B 183 -27.17 -16.10 -37.97
CA ARG B 183 -27.36 -14.69 -37.64
C ARG B 183 -26.05 -13.92 -37.42
N VAL B 184 -25.32 -14.28 -36.36
CA VAL B 184 -24.20 -13.47 -35.85
C VAL B 184 -22.88 -13.82 -36.53
N THR B 185 -22.33 -12.88 -37.28
CA THR B 185 -21.14 -13.17 -38.09
C THR B 185 -19.94 -12.21 -37.87
N ASN B 186 -18.72 -12.73 -38.03
CA ASN B 186 -17.48 -11.99 -37.87
C ASN B 186 -16.94 -11.36 -39.15
N LEU B 187 -16.52 -10.11 -39.05
CA LEU B 187 -15.89 -9.44 -40.17
C LEU B 187 -14.61 -10.10 -40.71
N THR B 188 -13.94 -10.97 -39.93
CA THR B 188 -12.77 -11.68 -40.46
C THR B 188 -13.14 -12.69 -41.54
N GLU B 189 -14.43 -13.01 -41.64
CA GLU B 189 -14.90 -13.79 -42.75
C GLU B 189 -14.88 -12.88 -43.95
N LEU B 190 -15.78 -11.89 -43.99
CA LEU B 190 -15.85 -10.95 -45.11
C LEU B 190 -14.51 -10.24 -45.44
N LEU B 191 -13.60 -10.04 -44.49
CA LEU B 191 -12.29 -9.43 -44.82
C LEU B 191 -11.08 -10.04 -44.08
N PRO B 192 -10.67 -11.27 -44.46
CA PRO B 192 -9.69 -12.09 -43.75
C PRO B 192 -8.76 -11.45 -42.74
N GLY B 193 -8.13 -10.33 -43.11
CA GLY B 193 -7.07 -9.78 -42.28
C GLY B 193 -7.38 -8.58 -41.39
N ILE B 194 -8.66 -8.23 -41.20
CA ILE B 194 -8.98 -6.99 -40.44
C ILE B 194 -8.38 -6.98 -39.05
N THR B 195 -7.75 -5.83 -38.78
CA THR B 195 -7.20 -5.44 -37.50
C THR B 195 -8.25 -4.62 -36.74
N HIS B 196 -8.10 -4.64 -35.43
CA HIS B 196 -8.80 -3.74 -34.55
C HIS B 196 -8.42 -2.29 -34.93
N GLU B 197 -7.11 -2.07 -35.03
CA GLU B 197 -6.49 -0.80 -35.45
C GLU B 197 -7.05 -0.18 -36.74
N GLN B 198 -7.33 -1.03 -37.72
CA GLN B 198 -8.01 -0.62 -38.96
C GLN B 198 -9.46 -0.25 -38.82
N VAL B 199 -10.21 -0.93 -37.98
CA VAL B 199 -11.59 -0.49 -37.76
C VAL B 199 -11.59 0.86 -36.99
N CYS B 200 -10.70 1.01 -36.01
CA CYS B 200 -10.60 2.27 -35.31
C CYS B 200 -10.20 3.45 -36.23
N GLU B 201 -9.21 3.21 -37.12
CA GLU B 201 -8.84 4.17 -38.16
C GLU B 201 -10.02 4.51 -39.01
N ALA B 202 -10.81 3.54 -39.38
CA ALA B 202 -11.90 3.83 -40.27
C ALA B 202 -13.02 4.60 -39.60
N ILE B 203 -13.35 4.24 -38.35
CA ILE B 203 -14.41 5.02 -37.60
C ILE B 203 -13.94 6.46 -37.30
N THR B 204 -12.66 6.61 -37.01
CA THR B 204 -12.05 7.93 -36.75
C THR B 204 -12.28 8.83 -38.00
N GLU B 205 -11.66 8.45 -39.12
CA GLU B 205 -11.90 9.13 -40.44
C GLU B 205 -13.32 9.50 -40.71
N ALA B 206 -14.26 8.57 -40.55
CA ALA B 206 -15.64 8.85 -40.86
C ALA B 206 -16.30 9.83 -39.92
N PHE B 207 -15.73 9.99 -38.74
CA PHE B 207 -16.30 10.87 -37.72
C PHE B 207 -15.68 12.27 -37.95
N PHE B 208 -14.40 12.29 -38.26
CA PHE B 208 -13.72 13.47 -38.81
C PHE B 208 -14.42 14.03 -40.03
N ALA B 209 -14.61 13.16 -41.03
CA ALA B 209 -15.33 13.53 -42.26
C ALA B 209 -16.66 14.12 -41.92
N HIS B 210 -17.40 13.49 -41.03
CA HIS B 210 -18.76 13.96 -40.78
C HIS B 210 -18.76 15.40 -40.21
N TYR B 211 -17.75 15.71 -39.40
CA TYR B 211 -17.63 17.01 -38.75
C TYR B 211 -16.66 17.98 -39.50
N GLY B 212 -16.04 17.50 -40.58
CA GLY B 212 -15.12 18.34 -41.34
C GLY B 212 -13.98 18.86 -40.48
N GLU B 213 -13.54 18.04 -39.54
CA GLU B 213 -12.51 18.48 -38.63
C GLU B 213 -11.72 17.27 -38.18
N ARG B 214 -10.50 17.56 -37.76
CA ARG B 214 -9.55 16.62 -37.37
C ARG B 214 -9.00 17.00 -35.98
N VAL B 215 -8.63 16.00 -35.17
CA VAL B 215 -7.99 16.19 -33.85
C VAL B 215 -6.97 15.09 -33.58
N GLU B 216 -5.92 15.39 -32.83
CA GLU B 216 -5.00 14.38 -32.32
C GLU B 216 -5.76 13.43 -31.38
N ALA B 217 -5.39 12.16 -31.40
CA ALA B 217 -5.98 11.16 -30.53
C ALA B 217 -5.49 11.34 -29.09
N GLU B 218 -6.40 11.25 -28.11
CA GLU B 218 -5.91 11.08 -26.72
C GLU B 218 -5.81 9.58 -26.43
N ILE B 219 -4.57 9.06 -26.31
CA ILE B 219 -4.33 7.64 -26.08
C ILE B 219 -4.40 7.46 -24.55
N ILE B 220 -5.41 6.74 -24.06
CA ILE B 220 -5.64 6.71 -22.60
C ILE B 220 -5.43 5.33 -22.00
N SER B 221 -4.99 5.30 -20.77
CA SER B 221 -4.80 4.06 -20.08
C SER B 221 -4.83 4.36 -18.55
N PRO B 222 -5.10 3.32 -17.70
CA PRO B 222 -5.13 3.50 -16.21
C PRO B 222 -3.83 3.98 -15.55
N ASN B 223 -2.69 3.93 -16.25
CA ASN B 223 -1.43 4.38 -15.65
C ASN B 223 -1.24 5.89 -15.50
N LYS B 224 -2.07 6.65 -16.22
CA LYS B 224 -2.13 8.13 -16.19
C LYS B 224 -3.61 8.57 -16.20
N THR B 225 -3.98 9.47 -15.30
CA THR B 225 -5.33 10.07 -15.30
C THR B 225 -5.72 10.77 -16.64
N PRO B 226 -6.81 10.28 -17.28
CA PRO B 226 -7.28 10.93 -18.50
C PRO B 226 -7.95 12.25 -18.15
N ASP B 227 -8.11 13.10 -19.16
CA ASP B 227 -8.66 14.42 -18.97
C ASP B 227 -10.18 14.30 -19.00
N LEU B 228 -10.74 13.80 -17.89
CA LEU B 228 -12.15 13.55 -17.72
C LEU B 228 -12.43 13.89 -16.25
N PRO B 229 -13.54 14.64 -15.98
CA PRO B 229 -13.69 15.02 -14.58
C PRO B 229 -14.07 13.84 -13.69
N ASN B 230 -13.63 13.91 -12.45
CA ASN B 230 -13.93 12.94 -11.38
C ASN B 230 -13.58 11.51 -11.74
N PHE B 231 -12.57 11.36 -12.60
CA PHE B 231 -12.21 10.05 -13.16
C PHE B 231 -11.70 9.08 -12.11
N ALA B 232 -10.73 9.54 -11.31
CA ALA B 232 -10.15 8.76 -10.19
C ALA B 232 -11.21 8.05 -9.28
N GLU B 233 -12.26 8.74 -8.91
CA GLU B 233 -13.22 8.18 -7.98
C GLU B 233 -14.14 7.25 -8.76
N THR B 234 -14.46 7.63 -10.00
CA THR B 234 -15.30 6.82 -10.91
C THR B 234 -14.64 5.46 -11.19
N PHE B 235 -13.36 5.48 -11.55
CA PHE B 235 -12.52 4.28 -11.75
C PHE B 235 -12.30 3.44 -10.43
N ALA B 236 -11.99 4.09 -9.29
CA ALA B 236 -11.95 3.33 -8.01
C ALA B 236 -13.24 2.59 -7.73
N ARG B 237 -14.37 3.23 -7.95
CA ARG B 237 -15.64 2.60 -7.72
C ARG B 237 -15.96 1.57 -8.74
N GLN B 238 -15.75 1.88 -10.04
CA GLN B 238 -16.09 0.95 -11.11
C GLN B 238 -15.31 -0.38 -10.94
N SER B 239 -14.05 -0.30 -10.47
CA SER B 239 -13.23 -1.49 -10.32
C SER B 239 -13.28 -2.17 -8.96
N SER B 240 -14.13 -1.73 -8.03
CA SER B 240 -14.30 -2.39 -6.74
C SER B 240 -14.95 -3.73 -6.90
N TRP B 241 -14.38 -4.71 -6.22
CA TRP B 241 -14.98 -6.04 -6.06
C TRP B 241 -16.40 -5.90 -5.46
N GLU B 242 -16.59 -4.94 -4.56
CA GLU B 242 -17.87 -4.81 -3.89
C GLU B 242 -18.91 -4.32 -4.83
N TRP B 243 -18.51 -3.59 -5.86
CA TRP B 243 -19.49 -3.16 -6.85
C TRP B 243 -19.69 -4.27 -7.92
N ASN B 244 -18.61 -4.85 -8.43
CA ASN B 244 -18.77 -5.84 -9.51
C ASN B 244 -19.40 -7.13 -9.00
N PHE B 245 -18.84 -7.70 -7.92
CA PHE B 245 -19.42 -8.89 -7.31
C PHE B 245 -20.43 -8.59 -6.22
N GLY B 246 -19.98 -8.02 -5.10
CA GLY B 246 -20.79 -8.07 -3.88
C GLY B 246 -20.79 -9.48 -3.23
N GLN B 247 -21.17 -9.55 -1.96
CA GLN B 247 -21.38 -10.84 -1.32
C GLN B 247 -22.63 -11.50 -1.90
N ALA B 248 -22.60 -12.81 -2.06
CA ALA B 248 -23.81 -13.59 -2.34
C ALA B 248 -24.97 -13.26 -1.32
N PRO B 249 -26.22 -13.18 -1.83
CA PRO B 249 -27.39 -13.07 -0.90
C PRO B 249 -27.53 -14.26 0.02
N ALA B 250 -27.69 -14.05 1.32
CA ALA B 250 -27.92 -15.12 2.30
C ALA B 250 -29.18 -14.76 3.09
N PHE B 251 -30.29 -15.34 2.63
CA PHE B 251 -31.61 -15.21 3.19
C PHE B 251 -32.21 -16.58 3.23
N SER B 252 -33.29 -16.76 3.98
CA SER B 252 -33.84 -18.08 4.17
C SER B 252 -34.98 -18.41 3.22
N HIS B 253 -35.50 -17.43 2.50
CA HIS B 253 -36.52 -17.67 1.50
C HIS B 253 -36.08 -17.17 0.16
N LEU B 254 -36.56 -17.84 -0.90
CA LEU B 254 -36.29 -17.45 -2.26
C LEU B 254 -37.51 -17.71 -3.11
N LEU B 255 -38.06 -16.67 -3.70
CA LEU B 255 -39.10 -16.84 -4.74
C LEU B 255 -38.58 -16.32 -6.06
N ASP B 256 -38.78 -17.06 -7.12
CA ASP B 256 -38.26 -16.58 -8.41
C ASP B 256 -39.19 -16.95 -9.51
N GLU B 257 -39.10 -16.18 -10.58
CA GLU B 257 -40.00 -16.30 -11.68
C GLU B 257 -39.36 -15.69 -12.92
N ARG B 258 -39.78 -16.16 -14.10
CA ARG B 258 -39.37 -15.60 -15.40
C ARG B 258 -40.56 -14.98 -16.08
N PHE B 259 -40.48 -13.71 -16.44
CA PHE B 259 -41.59 -13.05 -17.13
C PHE B 259 -41.11 -12.72 -18.57
N THR B 260 -42.01 -12.25 -19.44
CA THR B 260 -41.56 -11.86 -20.77
C THR B 260 -40.56 -10.70 -20.76
N TRP B 261 -40.55 -9.91 -19.69
CA TRP B 261 -39.71 -8.72 -19.62
C TRP B 261 -38.51 -8.93 -18.71
N GLY B 262 -38.35 -10.12 -18.13
CA GLY B 262 -37.16 -10.42 -17.30
C GLY B 262 -37.27 -11.49 -16.21
N GLY B 263 -36.15 -12.06 -15.78
CA GLY B 263 -36.16 -12.90 -14.58
C GLY B 263 -36.22 -12.05 -13.29
N VAL B 264 -36.77 -12.62 -12.23
CA VAL B 264 -36.82 -11.94 -10.95
C VAL B 264 -36.49 -12.95 -9.84
N GLU B 265 -35.57 -12.58 -8.92
CA GLU B 265 -35.34 -13.36 -7.72
C GLU B 265 -35.61 -12.49 -6.51
N LEU B 266 -36.44 -12.98 -5.62
CA LEU B 266 -36.77 -12.26 -4.44
C LEU B 266 -36.29 -13.12 -3.29
N HIS B 267 -35.29 -12.59 -2.59
CA HIS B 267 -34.70 -13.25 -1.46
C HIS B 267 -35.17 -12.55 -0.21
N PHE B 268 -35.54 -13.29 0.84
CA PHE B 268 -36.02 -12.60 2.07
C PHE B 268 -36.04 -13.52 3.26
N ASP B 269 -36.01 -12.95 4.46
CA ASP B 269 -36.26 -13.58 5.74
C ASP B 269 -37.64 -13.13 6.27
N VAL B 270 -38.36 -14.08 6.85
CA VAL B 270 -39.54 -13.79 7.64
C VAL B 270 -39.33 -14.09 9.17
N GLU B 271 -39.61 -13.14 10.03
CA GLU B 271 -39.61 -13.41 11.47
C GLU B 271 -40.84 -12.72 12.05
N LYS B 272 -41.56 -13.43 12.91
CA LYS B 272 -42.74 -12.85 13.56
C LYS B 272 -43.75 -12.37 12.54
N GLY B 273 -43.87 -13.11 11.46
CA GLY B 273 -44.87 -12.83 10.46
C GLY B 273 -44.59 -11.72 9.51
N HIS B 274 -43.40 -11.13 9.59
CA HIS B 274 -43.04 -9.93 8.82
C HIS B 274 -41.72 -10.19 8.12
N ILE B 275 -41.51 -9.52 6.98
CA ILE B 275 -40.22 -9.60 6.32
C ILE B 275 -39.23 -8.69 7.08
N THR B 276 -38.08 -9.27 7.49
CA THR B 276 -37.11 -8.54 8.22
C THR B 276 -36.02 -7.97 7.31
N ARG B 277 -35.85 -8.61 6.16
CA ARG B 277 -34.84 -8.17 5.18
C ARG B 277 -35.19 -8.85 3.89
N ALA B 278 -35.02 -8.11 2.81
CA ALA B 278 -35.35 -8.63 1.47
C ALA B 278 -34.43 -8.03 0.42
N GLN B 279 -34.13 -8.78 -0.64
CA GLN B 279 -33.28 -8.31 -1.72
C GLN B 279 -33.78 -8.91 -3.02
N VAL B 280 -33.91 -8.07 -4.07
CA VAL B 280 -34.44 -8.48 -5.37
C VAL B 280 -33.37 -8.35 -6.45
N PHE B 281 -33.27 -9.35 -7.32
CA PHE B 281 -32.34 -9.32 -8.47
C PHE B 281 -33.12 -9.47 -9.72
N THR B 282 -32.64 -8.87 -10.81
CA THR B 282 -33.33 -8.99 -12.12
C THR B 282 -32.38 -8.74 -13.28
N ASP B 283 -32.71 -9.27 -14.46
CA ASP B 283 -32.02 -8.94 -15.71
C ASP B 283 -32.93 -8.09 -16.58
N SER B 284 -34.02 -7.66 -16.02
CA SER B 284 -34.87 -6.69 -16.67
C SER B 284 -34.06 -5.47 -17.11
N LEU B 285 -34.41 -4.91 -18.28
CA LEU B 285 -33.72 -3.75 -18.83
C LEU B 285 -33.95 -2.46 -18.02
N ASN B 286 -35.11 -2.33 -17.41
CA ASN B 286 -35.23 -1.28 -16.43
C ASN B 286 -35.55 -1.88 -15.06
N PRO B 287 -34.52 -2.15 -14.25
CA PRO B 287 -34.64 -2.72 -12.90
C PRO B 287 -35.30 -1.81 -11.84
N ALA B 288 -35.46 -0.52 -12.12
CA ALA B 288 -35.94 0.46 -11.10
C ALA B 288 -37.21 0.13 -10.30
N PRO B 289 -38.28 -0.32 -10.96
CA PRO B 289 -39.48 -0.76 -10.23
C PRO B 289 -39.21 -1.90 -9.28
N LEU B 290 -38.31 -2.82 -9.65
CA LEU B 290 -38.02 -3.97 -8.81
C LEU B 290 -37.18 -3.58 -7.58
N GLU B 291 -36.26 -2.61 -7.77
CA GLU B 291 -35.47 -2.01 -6.69
C GLU B 291 -36.36 -1.25 -5.70
N ALA B 292 -37.37 -0.52 -6.23
CA ALA B 292 -38.34 0.24 -5.45
C ALA B 292 -39.26 -0.76 -4.70
N LEU B 293 -39.69 -1.78 -5.42
CA LEU B 293 -40.38 -2.89 -4.76
C LEU B 293 -39.59 -3.51 -3.59
N ALA B 294 -38.30 -3.81 -3.74
CA ALA B 294 -37.53 -4.32 -2.62
C ALA B 294 -37.53 -3.31 -1.46
N GLY B 295 -37.35 -2.02 -1.74
CA GLY B 295 -37.40 -1.02 -0.67
C GLY B 295 -38.72 -1.07 0.09
N ARG B 296 -39.83 -1.32 -0.62
CA ARG B 296 -41.14 -1.34 0.02
C ARG B 296 -41.47 -2.69 0.71
N LEU B 297 -40.74 -3.75 0.39
CA LEU B 297 -40.93 -5.03 1.05
C LEU B 297 -40.37 -5.06 2.47
N GLN B 298 -39.40 -4.18 2.79
CA GLN B 298 -38.83 -4.21 4.13
C GLN B 298 -39.94 -4.00 5.22
N GLY B 299 -40.02 -4.95 6.17
CA GLY B 299 -40.92 -4.80 7.31
C GLY B 299 -42.34 -5.25 7.03
N CYS B 300 -42.61 -5.63 5.79
CA CYS B 300 -43.94 -5.97 5.30
C CYS B 300 -44.49 -7.25 5.99
N LEU B 301 -45.77 -7.24 6.29
CA LEU B 301 -46.46 -8.44 6.73
C LEU B 301 -46.33 -9.48 5.61
N TYR B 302 -45.95 -10.68 6.01
CA TYR B 302 -45.75 -11.70 5.03
C TYR B 302 -47.09 -12.34 4.67
N ARG B 303 -47.83 -11.67 3.82
CA ARG B 303 -49.11 -12.16 3.43
C ARG B 303 -49.44 -11.52 2.11
N ALA B 304 -49.95 -12.32 1.17
CA ALA B 304 -50.22 -11.86 -0.20
C ALA B 304 -50.87 -10.48 -0.31
N ASP B 305 -51.97 -10.21 0.41
CA ASP B 305 -52.65 -8.87 0.25
C ASP B 305 -51.65 -7.70 0.44
N LEU B 307 -48.13 -7.70 0.43
CA LEU B 307 -47.10 -7.66 -0.62
C LEU B 307 -47.63 -7.00 -1.88
N GLN B 308 -48.83 -7.36 -2.35
CA GLN B 308 -49.45 -6.72 -3.52
C GLN B 308 -49.82 -5.25 -3.30
N GLN B 309 -50.27 -4.92 -2.09
CA GLN B 309 -50.54 -3.54 -1.77
C GLN B 309 -49.25 -2.71 -1.91
N GLU B 310 -48.15 -3.24 -1.38
CA GLU B 310 -46.84 -2.52 -1.47
C GLU B 310 -46.37 -2.36 -2.91
N CYS B 311 -46.51 -3.43 -3.64
CA CYS B 311 -46.15 -3.43 -5.01
C CYS B 311 -47.00 -2.40 -5.85
N GLU B 312 -48.32 -2.46 -5.74
CA GLU B 312 -49.20 -1.63 -6.51
C GLU B 312 -49.21 -0.12 -6.15
N ALA B 313 -48.69 0.22 -4.97
CA ALA B 313 -48.55 1.56 -4.44
C ALA B 313 -47.51 2.25 -5.28
N LEU B 314 -46.69 1.45 -5.94
CA LEU B 314 -45.65 2.00 -6.81
C LEU B 314 -46.18 2.45 -8.16
N LEU B 315 -47.34 1.93 -8.58
CA LEU B 315 -47.87 2.19 -9.94
C LEU B 315 -47.89 3.67 -10.33
N VAL B 316 -48.30 4.55 -9.40
CA VAL B 316 -48.45 5.98 -9.68
C VAL B 316 -47.16 6.68 -10.10
N ASP B 317 -46.03 6.12 -9.70
CA ASP B 317 -44.71 6.70 -9.99
C ASP B 317 -43.96 5.88 -11.08
N PHE B 318 -44.54 4.76 -11.53
CA PHE B 318 -43.97 4.05 -12.68
C PHE B 318 -45.06 3.83 -13.74
N PRO B 319 -45.58 4.93 -14.33
CA PRO B 319 -46.68 4.69 -15.29
C PRO B 319 -46.25 3.82 -16.48
N GLU B 320 -45.01 3.93 -16.92
CA GLU B 320 -44.50 3.18 -18.06
C GLU B 320 -44.18 1.70 -17.75
N GLN B 321 -44.19 1.34 -16.45
CA GLN B 321 -43.86 -0.02 -16.02
C GLN B 321 -45.03 -0.67 -15.34
N GLU B 322 -46.19 -0.09 -15.58
CA GLU B 322 -47.49 -0.58 -15.15
C GLU B 322 -47.74 -2.06 -15.28
N LYS B 323 -47.49 -2.60 -16.47
CA LYS B 323 -47.81 -4.00 -16.78
C LYS B 323 -46.93 -4.93 -15.98
N GLU B 324 -45.65 -4.61 -15.92
CA GLU B 324 -44.66 -5.34 -15.11
C GLU B 324 -45.03 -5.43 -13.61
N LEU B 325 -45.44 -4.31 -13.02
CA LEU B 325 -45.92 -4.30 -11.61
C LEU B 325 -47.21 -5.10 -11.35
N ARG B 326 -48.20 -4.95 -12.25
CA ARG B 326 -49.40 -5.78 -12.22
C ARG B 326 -49.04 -7.28 -12.27
N GLU B 327 -48.06 -7.66 -13.08
CA GLU B 327 -47.62 -9.04 -13.20
C GLU B 327 -46.85 -9.53 -11.97
N LEU B 328 -45.86 -8.79 -11.51
CA LEU B 328 -45.25 -9.05 -10.20
C LEU B 328 -46.28 -9.25 -9.09
N SER B 329 -47.25 -8.37 -9.00
CA SER B 329 -48.24 -8.44 -7.97
C SER B 329 -49.06 -9.73 -8.13
N ALA B 330 -49.57 -10.00 -9.34
CA ALA B 330 -50.29 -11.26 -9.58
C ALA B 330 -49.44 -12.50 -9.28
N TRP B 331 -48.17 -12.47 -9.65
CA TRP B 331 -47.32 -13.59 -9.35
C TRP B 331 -47.08 -13.81 -7.87
N ALA B 333 -49.09 -12.93 -5.34
CA ALA B 333 -50.33 -13.43 -4.75
C ALA B 333 -50.36 -14.96 -4.68
N GLY B 334 -49.92 -15.62 -5.75
CA GLY B 334 -49.89 -17.06 -5.83
C GLY B 334 -48.67 -17.71 -5.23
N ALA B 335 -47.52 -17.05 -5.31
CA ALA B 335 -46.26 -17.68 -4.97
C ALA B 335 -46.01 -17.71 -3.47
N VAL B 336 -46.59 -16.76 -2.75
CA VAL B 336 -46.55 -16.66 -1.28
C VAL B 336 -47.16 -17.85 -0.48
N ARG B 337 -48.13 -18.55 -1.06
CA ARG B 337 -48.56 -19.85 -0.53
C ARG B 337 -47.63 -20.99 -1.03
N SER C 1 47.03 5.04 25.39
CA SER C 1 47.33 4.19 24.21
C SER C 1 46.07 3.67 23.49
N THR C 2 45.13 3.01 24.20
CA THR C 2 43.89 2.58 23.47
C THR C 2 42.46 3.02 23.96
N LEU C 3 42.52 4.17 24.60
CA LEU C 3 41.43 4.98 24.91
C LEU C 3 41.66 6.15 23.95
N ARG C 4 40.60 6.89 23.61
CA ARG C 4 40.71 8.24 23.06
C ARG C 4 39.94 9.16 23.99
N LEU C 5 40.60 10.23 24.44
CA LEU C 5 39.94 11.29 25.21
C LEU C 5 39.87 12.66 24.45
N LEU C 6 38.66 13.05 24.06
CA LEU C 6 38.41 14.30 23.32
C LEU C 6 37.70 15.35 24.19
N ILE C 7 38.25 16.54 24.18
CA ILE C 7 37.70 17.63 24.94
C ILE C 7 37.46 18.74 23.94
N SER C 8 36.20 19.14 23.79
CA SER C 8 35.87 20.30 22.99
C SER C 8 36.11 21.59 23.70
N ASP C 9 36.83 22.45 22.99
CA ASP C 9 37.15 23.78 23.45
C ASP C 9 36.20 24.82 22.74
N SER C 10 35.13 24.31 22.13
CA SER C 10 34.24 25.11 21.31
C SER C 10 32.85 25.00 21.92
N TYR C 11 32.12 26.11 21.84
CA TYR C 11 30.69 26.09 22.25
C TYR C 11 29.70 26.08 21.08
N ASP C 12 30.22 25.94 19.87
CA ASP C 12 29.47 25.87 18.64
C ASP C 12 28.72 24.55 18.66
N PRO C 13 27.37 24.61 18.72
CA PRO C 13 26.63 23.36 18.74
C PRO C 13 26.86 22.55 17.44
N TRP C 14 27.12 23.23 16.32
CA TRP C 14 27.28 22.55 15.03
C TRP C 14 28.56 21.76 14.99
N PHE C 15 29.59 22.28 15.64
CA PHE C 15 30.87 21.60 15.79
C PHE C 15 30.77 20.35 16.65
N ASN C 16 30.20 20.52 17.84
CA ASN C 16 30.09 19.45 18.83
C ASN C 16 29.21 18.33 18.34
N LEU C 17 28.15 18.64 17.62
CA LEU C 17 27.33 17.57 17.00
C LEU C 17 28.05 16.84 15.86
N ALA C 18 28.95 17.53 15.12
CA ALA C 18 29.72 16.82 14.07
C ALA C 18 30.73 15.85 14.64
N VAL C 19 31.34 16.19 15.77
CA VAL C 19 32.25 15.32 16.47
C VAL C 19 31.51 14.08 16.97
N GLU C 20 30.38 14.25 17.67
CA GLU C 20 29.56 13.07 18.06
C GLU C 20 29.14 12.27 16.86
N GLU C 21 28.71 12.94 15.82
CA GLU C 21 28.28 12.24 14.65
C GLU C 21 29.44 11.36 14.12
N CYS C 22 30.67 11.90 14.07
CA CYS C 22 31.83 11.11 13.56
C CYS C 22 32.19 9.93 14.46
N ILE C 23 32.08 10.18 15.76
CA ILE C 23 32.25 9.15 16.75
C ILE C 23 31.29 7.99 16.51
N PHE C 24 30.03 8.32 16.29
CA PHE C 24 28.98 7.34 15.97
C PHE C 24 29.20 6.60 14.63
N ARG C 25 29.56 7.28 13.56
CA ARG C 25 29.52 6.56 12.30
C ARG C 25 30.76 6.64 11.40
N GLN C 26 31.82 7.32 11.84
CA GLN C 26 33.03 7.47 11.04
C GLN C 26 34.25 6.81 11.65
N PRO C 28 36.70 4.27 13.71
CA PRO C 28 36.58 2.81 13.84
C PRO C 28 36.30 2.43 15.29
N ALA C 29 35.66 1.26 15.47
CA ALA C 29 35.19 0.77 16.76
C ALA C 29 36.28 0.09 17.57
N THR C 30 37.54 0.39 17.22
CA THR C 30 38.73 -0.11 17.90
C THR C 30 39.01 0.54 19.25
N GLN C 31 38.84 1.85 19.33
CA GLN C 31 39.15 2.51 20.57
C GLN C 31 37.91 2.87 21.33
N ARG C 32 38.11 3.11 22.62
CA ARG C 32 37.07 3.44 23.54
C ARG C 32 37.23 4.92 23.75
N VAL C 33 36.16 5.64 23.42
CA VAL C 33 36.18 7.09 23.35
C VAL C 33 35.35 7.69 24.45
N LEU C 34 35.88 8.75 25.04
CA LEU C 34 35.10 9.67 25.85
C LEU C 34 35.19 11.05 25.20
N PHE C 35 34.05 11.68 24.92
CA PHE C 35 34.03 13.07 24.38
C PHE C 35 33.27 13.99 25.36
N LEU C 36 33.97 15.01 25.86
CA LEU C 36 33.35 15.97 26.74
C LEU C 36 33.26 17.35 26.09
N TRP C 37 32.08 17.98 26.25
CA TRP C 37 31.78 19.20 25.52
C TRP C 37 30.62 19.95 26.15
N ARG C 38 30.47 21.22 25.76
CA ARG C 38 29.17 21.86 25.99
C ARG C 38 28.82 22.86 24.89
N ASN C 39 27.54 23.11 24.70
CA ASN C 39 27.08 24.14 23.76
C ASN C 39 26.66 25.46 24.45
N ALA C 40 26.91 26.59 23.81
CA ALA C 40 26.32 27.87 24.22
C ALA C 40 24.86 27.88 23.82
N ASP C 41 24.07 28.85 24.26
CA ASP C 41 22.62 28.92 23.93
C ASP C 41 22.17 28.31 22.58
N THR C 42 21.47 27.18 22.63
CA THR C 42 21.11 26.46 21.41
C THR C 42 19.80 25.76 21.69
N VAL C 43 18.94 25.66 20.66
CA VAL C 43 17.79 24.75 20.67
C VAL C 43 18.12 23.65 19.65
N VAL C 44 18.19 22.41 20.14
CA VAL C 44 18.38 21.28 19.28
C VAL C 44 17.01 20.66 18.93
N ILE C 45 16.71 20.61 17.64
CA ILE C 45 15.52 19.93 17.16
C ILE C 45 15.84 18.56 16.54
N GLY C 46 14.88 17.66 16.59
CA GLY C 46 15.02 16.31 16.03
C GLY C 46 15.01 16.34 14.52
N ARG C 47 15.43 15.24 13.92
CA ARG C 47 15.61 15.32 12.47
C ARG C 47 14.34 15.56 11.68
N ALA C 48 13.19 15.19 12.22
CA ALA C 48 11.94 15.30 11.44
C ALA C 48 11.10 16.49 11.83
N GLN C 49 11.65 17.42 12.57
CA GLN C 49 10.89 18.57 13.05
C GLN C 49 10.87 19.67 12.03
N ASN C 50 9.78 20.43 12.02
CA ASN C 50 9.68 21.60 11.21
C ASN C 50 9.92 22.81 12.13
N PRO C 51 11.09 23.45 12.00
CA PRO C 51 11.41 24.54 12.90
C PRO C 51 10.53 25.74 12.62
N TRP C 52 9.96 25.81 11.42
CA TRP C 52 9.10 26.93 11.06
C TRP C 52 7.75 26.83 11.78
N LYS C 53 7.16 25.65 11.91
CA LYS C 53 6.08 25.48 12.89
C LYS C 53 6.57 25.58 14.38
N GLU C 54 7.55 24.75 14.74
CA GLU C 54 7.81 24.40 16.13
C GLU C 54 8.51 25.56 16.91
N CYS C 55 9.28 26.40 16.19
CA CYS C 55 10.12 27.40 16.85
C CYS C 55 9.86 28.87 16.50
N ASN C 56 10.04 29.71 17.53
CA ASN C 56 10.02 31.14 17.38
C ASN C 56 11.36 31.57 16.86
N THR C 57 11.56 31.51 15.55
CA THR C 57 12.90 31.75 15.02
C THR C 57 13.39 33.18 15.12
N ARG C 58 12.46 34.13 15.01
CA ARG C 58 12.71 35.57 15.28
C ARG C 58 13.25 35.84 16.66
N ARG C 59 12.56 35.38 17.69
CA ARG C 59 13.03 35.55 19.06
C ARG C 59 14.40 34.87 19.29
N GLU C 61 16.90 34.39 16.85
CA GLU C 61 17.78 35.37 16.23
C GLU C 61 18.06 36.61 17.12
N GLU C 62 17.00 37.28 17.60
CA GLU C 62 17.09 38.35 18.61
C GLU C 62 17.97 38.04 19.87
N ASP C 63 17.69 36.92 20.53
CA ASP C 63 18.48 36.56 21.71
C ASP C 63 19.77 35.83 21.40
N ASN C 64 20.12 35.71 20.13
CA ASN C 64 21.35 35.04 19.68
C ASN C 64 21.44 33.55 20.08
N VAL C 65 20.33 32.83 19.92
CA VAL C 65 20.23 31.41 20.24
C VAL C 65 20.33 30.67 18.91
N ARG C 66 21.24 29.69 18.86
CA ARG C 66 21.49 28.89 17.69
C ARG C 66 20.44 27.78 17.44
N LEU C 67 20.16 27.51 16.18
CA LEU C 67 19.37 26.37 15.83
C LEU C 67 20.26 25.20 15.33
N ALA C 68 20.03 24.02 15.90
CA ALA C 68 20.78 22.87 15.48
C ALA C 68 19.83 21.71 15.29
N ARG C 69 19.85 21.09 14.09
CA ARG C 69 19.19 19.81 13.88
C ARG C 69 20.12 18.58 14.17
N ARG C 70 19.71 17.70 15.08
CA ARG C 70 20.43 16.43 15.32
C ARG C 70 19.86 15.30 14.46
N SER C 71 20.53 14.17 14.39
CA SER C 71 20.14 13.17 13.42
C SER C 71 19.25 12.14 14.03
N SER C 72 19.10 12.15 15.35
CA SER C 72 17.96 11.39 15.91
C SER C 72 16.55 12.14 15.87
N GLY C 73 15.47 11.43 16.16
CA GLY C 73 14.17 12.10 16.25
C GLY C 73 13.96 12.72 17.61
N GLY C 74 12.70 12.94 17.96
CA GLY C 74 12.49 13.55 19.26
C GLY C 74 12.12 15.00 19.02
N GLY C 75 11.95 15.73 20.11
CA GLY C 75 11.54 17.14 20.05
C GLY C 75 12.64 18.09 20.42
N ALA C 76 12.26 19.34 20.63
CA ALA C 76 13.23 20.39 20.94
C ALA C 76 13.79 20.27 22.36
N VAL C 77 15.10 20.59 22.45
CA VAL C 77 15.88 20.54 23.68
C VAL C 77 16.68 21.84 23.73
N PHE C 78 16.70 22.49 24.90
CA PHE C 78 17.58 23.66 25.10
C PHE C 78 18.94 23.25 25.71
N HIS C 79 20.02 23.77 25.12
CA HIS C 79 21.40 23.66 25.63
C HIS C 79 21.93 25.04 25.93
N ASP C 80 22.55 25.13 27.10
CA ASP C 80 23.37 26.26 27.47
C ASP C 80 24.62 25.77 28.18
N LEU C 81 25.47 26.71 28.59
CA LEU C 81 26.70 26.39 29.31
C LEU C 81 26.54 25.77 30.69
N GLY C 82 25.35 25.93 31.30
CA GLY C 82 25.00 25.19 32.52
C GLY C 82 24.79 23.69 32.37
N ASN C 83 24.97 23.19 31.14
CA ASN C 83 24.89 21.74 30.86
C ASN C 83 26.30 21.21 30.61
N THR C 84 26.63 20.04 31.12
CA THR C 84 27.92 19.38 30.82
C THR C 84 27.61 18.09 30.09
N CYS C 85 28.01 18.00 28.83
CA CYS C 85 27.70 16.86 28.02
C CYS C 85 28.84 15.87 27.83
N PHE C 86 28.47 14.60 27.69
CA PHE C 86 29.44 13.53 27.46
C PHE C 86 28.97 12.60 26.33
N THR C 87 29.93 11.88 25.74
CA THR C 87 29.66 10.86 24.74
C THR C 87 30.69 9.77 24.97
N PHE C 88 30.20 8.54 25.04
CA PHE C 88 31.02 7.33 25.22
C PHE C 88 30.76 6.45 24.00
N ALA C 90 32.21 2.51 22.49
CA ALA C 90 33.15 1.39 22.46
C ALA C 90 32.68 0.27 21.54
N GLY C 91 33.62 -0.52 21.03
CA GLY C 91 33.29 -1.60 20.09
C GLY C 91 32.51 -2.76 20.73
N LYS C 92 31.74 -3.47 19.92
CA LYS C 92 31.11 -4.66 20.46
C LYS C 92 31.92 -5.89 20.03
N PRO C 93 31.80 -7.04 20.74
CA PRO C 93 30.89 -7.40 21.85
C PRO C 93 31.30 -6.92 23.24
N GLU C 94 32.49 -6.32 23.37
CA GLU C 94 33.05 -5.93 24.68
C GLU C 94 32.27 -4.85 25.45
N TYR C 95 31.61 -3.95 24.71
CA TYR C 95 30.87 -2.84 25.32
C TYR C 95 29.47 -3.22 25.79
N ASP C 96 29.02 -2.59 26.86
CA ASP C 96 27.60 -2.61 27.24
C ASP C 96 27.25 -1.28 27.92
N LYS C 97 25.95 -0.96 27.91
CA LYS C 97 25.39 0.27 28.45
C LYS C 97 25.80 0.59 29.87
N THR C 98 26.05 -0.43 30.67
CA THR C 98 26.29 -0.20 32.10
C THR C 98 27.71 0.29 32.39
N ILE C 99 28.62 0.14 31.42
CA ILE C 99 29.99 0.57 31.64
C ILE C 99 30.08 2.07 31.80
N SER C 100 29.56 2.79 30.80
CA SER C 100 29.49 4.26 30.81
C SER C 100 28.70 4.90 31.95
N THR C 101 27.52 4.36 32.25
CA THR C 101 26.61 4.81 33.36
C THR C 101 27.35 4.71 34.70
N SER C 102 27.99 3.55 34.86
CA SER C 102 28.80 3.24 36.02
C SER C 102 29.91 4.27 36.24
N ILE C 103 30.52 4.72 35.11
CA ILE C 103 31.63 5.68 35.08
C ILE C 103 31.18 7.10 35.51
N VAL C 104 30.02 7.50 35.00
CA VAL C 104 29.36 8.75 35.41
C VAL C 104 28.88 8.64 36.88
N LEU C 105 28.29 7.51 37.24
CA LEU C 105 27.95 7.26 38.65
C LEU C 105 29.15 7.46 39.59
N ASN C 106 30.24 6.70 39.34
CA ASN C 106 31.49 6.80 40.11
C ASN C 106 31.97 8.23 40.21
N ALA C 107 31.90 8.94 39.08
CA ALA C 107 32.47 10.27 38.99
C ALA C 107 31.72 11.22 39.89
N LEU C 108 30.41 10.99 39.98
CA LEU C 108 29.51 11.82 40.78
C LEU C 108 29.78 11.67 42.29
N ASN C 109 29.87 10.42 42.75
CA ASN C 109 30.40 10.11 44.09
C ASN C 109 31.72 10.85 44.38
N ALA C 110 32.79 10.53 43.66
CA ALA C 110 34.06 11.23 43.87
C ALA C 110 33.89 12.73 44.14
N LEU C 111 32.86 13.33 43.56
CA LEU C 111 32.60 14.78 43.68
C LEU C 111 31.85 15.20 44.97
N GLY C 112 31.24 14.21 45.62
CA GLY C 112 30.56 14.42 46.90
C GLY C 112 29.05 14.34 46.78
N VAL C 113 28.57 13.45 45.91
CA VAL C 113 27.14 13.25 45.61
C VAL C 113 26.92 11.76 45.40
N SER C 114 25.89 11.18 46.02
CA SER C 114 25.58 9.77 45.73
C SER C 114 24.35 9.61 44.88
N ALA C 115 24.58 9.45 43.58
CA ALA C 115 23.51 9.30 42.60
C ALA C 115 23.24 7.83 42.39
N GLU C 116 22.25 7.51 41.55
CA GLU C 116 21.88 6.12 41.22
C GLU C 116 21.04 6.13 39.96
N ALA C 117 21.03 5.02 39.23
CA ALA C 117 20.22 4.90 38.02
C ALA C 117 18.72 4.69 38.28
N SER C 118 17.97 5.79 38.23
CA SER C 118 16.51 5.70 38.14
C SER C 118 16.10 5.49 36.67
N GLY C 119 15.14 4.61 36.44
CA GLY C 119 14.65 4.34 35.09
C GLY C 119 15.68 3.73 34.16
N ARG C 120 15.32 3.67 32.88
CA ARG C 120 16.10 3.00 31.85
C ARG C 120 17.41 3.71 31.44
N ASN C 121 17.47 5.03 31.66
CA ASN C 121 18.61 5.86 31.20
C ASN C 121 18.89 7.19 31.96
N ASP C 122 18.01 7.59 32.86
CA ASP C 122 18.22 8.78 33.67
C ASP C 122 19.07 8.49 34.92
N LEU C 123 19.50 9.54 35.62
CA LEU C 123 20.21 9.38 36.89
C LEU C 123 19.63 10.30 37.93
N VAL C 124 19.48 9.75 39.15
CA VAL C 124 18.85 10.44 40.27
C VAL C 124 19.70 10.62 41.56
N VAL C 125 19.49 11.75 42.24
CA VAL C 125 19.98 11.99 43.60
C VAL C 125 18.84 12.17 44.63
N LYS C 126 19.13 11.79 45.88
CA LYS C 126 18.14 11.92 46.99
C LYS C 126 18.42 13.09 47.93
N THR C 127 17.37 13.88 48.20
CA THR C 127 17.46 15.09 49.02
C THR C 127 16.61 15.01 50.29
N VAL C 128 15.55 15.83 50.37
CA VAL C 128 14.56 15.79 51.47
C VAL C 128 13.19 15.50 50.87
N GLU C 129 13.08 15.72 49.56
CA GLU C 129 12.01 15.14 48.72
C GLU C 129 12.64 14.30 47.59
N GLY C 130 13.78 13.68 47.93
CA GLY C 130 14.77 13.22 46.99
C GLY C 130 14.48 12.15 45.95
N ASP C 131 13.61 12.46 44.99
CA ASP C 131 13.75 11.84 43.67
C ASP C 131 14.13 12.88 42.60
N ARG C 132 15.40 13.27 42.58
CA ARG C 132 15.90 14.34 41.69
C ARG C 132 16.67 13.85 40.44
N LYS C 133 16.03 13.94 39.28
CA LYS C 133 16.67 13.69 37.98
C LYS C 133 17.70 14.77 37.65
N VAL C 134 18.98 14.37 37.72
CA VAL C 134 20.12 15.26 37.54
C VAL C 134 20.88 15.07 36.16
N SER C 135 20.55 13.98 35.44
CA SER C 135 21.14 13.63 34.17
C SER C 135 20.19 12.81 33.29
N GLY C 136 20.00 13.26 32.06
CA GLY C 136 19.34 12.44 31.03
C GLY C 136 20.35 11.90 30.06
N SER C 137 20.00 10.83 29.36
CA SER C 137 20.92 10.21 28.45
C SER C 137 20.20 9.43 27.34
N ALA C 138 20.91 9.18 26.23
CA ALA C 138 20.39 8.35 25.16
C ALA C 138 21.39 7.26 24.80
N TYR C 139 20.92 6.05 24.61
CA TYR C 139 21.80 4.96 24.25
C TYR C 139 21.46 4.49 22.86
N ARG C 140 22.49 4.20 22.06
CA ARG C 140 22.33 3.77 20.69
C ARG C 140 23.23 2.59 20.39
N GLU C 141 22.71 1.66 19.61
CA GLU C 141 23.49 0.51 19.25
C GLU C 141 23.59 0.34 17.76
N THR C 142 24.76 -0.13 17.36
CA THR C 142 25.12 -0.37 15.99
C THR C 142 25.43 -1.87 15.92
N LYS C 143 25.77 -2.36 14.74
CA LYS C 143 26.25 -3.72 14.58
C LYS C 143 27.62 -3.87 15.19
N ASP C 144 28.38 -2.79 15.24
CA ASP C 144 29.78 -2.85 15.66
C ASP C 144 30.14 -2.04 16.92
N ARG C 145 29.23 -1.20 17.39
CA ARG C 145 29.50 -0.38 18.57
C ARG C 145 28.29 -0.07 19.43
N GLY C 146 28.56 0.31 20.67
CA GLY C 146 27.58 1.00 21.47
C GLY C 146 28.05 2.43 21.66
N PHE C 147 27.09 3.33 21.87
CA PHE C 147 27.25 4.79 21.87
C PHE C 147 26.26 5.28 22.94
N HIS C 148 26.72 6.14 23.81
CA HIS C 148 25.95 6.60 24.94
C HIS C 148 26.24 8.06 25.15
N HIS C 149 25.25 8.92 25.00
CA HIS C 149 25.49 10.33 25.36
C HIS C 149 24.43 10.90 26.26
N GLY C 150 24.78 11.97 26.95
CA GLY C 150 23.93 12.39 28.01
C GLY C 150 24.42 13.71 28.46
N THR C 151 23.72 14.28 29.43
CA THR C 151 23.95 15.61 29.96
C THR C 151 23.92 15.61 31.48
N LEU C 152 24.81 16.36 32.10
CA LEU C 152 24.67 16.71 33.51
C LEU C 152 24.18 18.15 33.64
N LEU C 153 23.22 18.32 34.53
CA LEU C 153 22.61 19.60 34.78
C LEU C 153 23.39 20.18 35.92
N LEU C 154 24.21 21.20 35.63
CA LEU C 154 24.99 21.84 36.67
C LEU C 154 24.29 23.13 37.05
N ASN C 155 24.14 24.03 36.09
CA ASN C 155 23.60 25.33 36.34
C ASN C 155 22.67 25.73 35.17
N ALA C 156 21.83 24.77 34.79
CA ALA C 156 20.99 24.85 33.59
C ALA C 156 19.70 25.68 33.81
N ASP C 157 19.45 26.62 32.89
CA ASP C 157 18.33 27.54 32.96
C ASP C 157 17.10 26.85 32.37
N LEU C 158 16.40 26.14 33.23
CA LEU C 158 15.36 25.22 32.83
C LEU C 158 14.07 25.89 32.39
N SER C 159 14.05 27.22 32.43
CA SER C 159 12.85 27.95 31.99
C SER C 159 12.91 28.36 30.51
N ARG C 160 14.14 28.57 30.00
CA ARG C 160 14.44 29.20 28.68
C ARG C 160 13.75 28.64 27.45
N LEU C 161 13.59 27.32 27.40
CA LEU C 161 13.12 26.65 26.18
C LEU C 161 11.81 27.20 25.62
N ALA C 162 10.82 27.33 26.52
CA ALA C 162 9.48 27.79 26.20
C ALA C 162 9.48 29.24 25.69
N ASN C 163 10.49 30.04 25.98
CA ASN C 163 10.54 31.31 25.29
C ASN C 163 10.68 31.14 23.77
N TYR C 164 11.30 30.03 23.32
CA TYR C 164 11.66 29.92 21.89
C TYR C 164 10.75 28.98 21.12
N LEU C 165 9.75 28.41 21.79
CA LEU C 165 8.81 27.53 21.11
C LEU C 165 7.44 28.18 20.98
N ASN C 166 6.97 28.29 19.73
CA ASN C 166 5.61 28.69 19.39
C ASN C 166 4.55 27.81 20.06
N PRO C 167 3.40 28.40 20.48
CA PRO C 167 2.36 27.59 21.11
C PRO C 167 1.62 26.76 20.07
N ASP C 168 1.10 25.62 20.48
CA ASP C 168 0.42 24.72 19.60
C ASP C 168 -0.81 24.32 20.39
N LYS C 169 -1.96 24.69 19.85
CA LYS C 169 -3.27 24.47 20.46
C LYS C 169 -3.59 23.01 20.65
N LYS C 170 -3.01 22.11 19.84
CA LYS C 170 -3.29 20.67 20.03
C LYS C 170 -2.42 20.02 21.11
N LYS C 171 -1.42 20.75 21.57
CA LYS C 171 -0.53 20.26 22.61
C LYS C 171 -1.10 20.65 23.97
N LEU C 172 -1.78 19.72 24.66
CA LEU C 172 -2.24 19.96 26.03
C LEU C 172 -1.05 20.29 26.89
N ALA C 173 -1.08 21.43 27.55
CA ALA C 173 0.05 21.75 28.41
C ALA C 173 -0.40 22.03 29.85
N ALA C 174 0.57 22.11 30.77
CA ALA C 174 0.29 22.63 32.11
C ALA C 174 -0.16 24.10 32.03
N LYS C 175 -0.89 24.57 33.02
CA LYS C 175 -1.25 25.97 33.11
C LYS C 175 -0.01 26.82 33.49
N GLY C 176 -0.14 28.15 33.46
CA GLY C 176 0.91 29.04 33.95
C GLY C 176 1.20 28.88 35.45
N ILE C 177 0.14 28.59 36.21
CA ILE C 177 0.28 28.15 37.62
C ILE C 177 0.27 26.60 37.73
N THR C 178 1.33 26.04 38.31
CA THR C 178 1.32 24.64 38.72
C THR C 178 1.75 24.52 40.18
N SER C 179 1.46 23.38 40.76
CA SER C 179 1.75 23.18 42.13
C SER C 179 2.60 21.93 42.39
N VAL C 180 2.77 21.07 41.39
CA VAL C 180 3.65 19.90 41.55
C VAL C 180 4.95 20.14 40.79
N ARG C 181 6.07 20.03 41.47
CA ARG C 181 7.37 20.33 40.85
C ARG C 181 7.77 19.22 39.90
N SER C 182 8.56 19.58 38.90
CA SER C 182 9.23 18.60 38.05
C SER C 182 10.37 17.89 38.83
N ARG C 183 10.62 16.63 38.49
CA ARG C 183 11.79 15.89 39.03
C ARG C 183 13.15 16.45 38.55
N VAL C 184 13.14 17.04 37.35
CA VAL C 184 14.31 17.69 36.74
C VAL C 184 14.93 18.69 37.72
N THR C 185 16.20 18.48 38.07
CA THR C 185 16.88 19.26 39.10
C THR C 185 18.28 19.62 38.68
N ASN C 186 18.70 20.87 38.94
CA ASN C 186 20.10 21.25 38.84
C ASN C 186 20.96 20.54 39.87
N LEU C 187 22.16 21.07 40.11
CA LEU C 187 23.20 20.35 40.85
C LEU C 187 24.13 21.38 41.49
N THR C 188 23.99 22.65 41.10
CA THR C 188 24.47 23.72 41.93
C THR C 188 23.55 23.74 43.15
N GLU C 189 22.44 22.99 43.05
CA GLU C 189 21.62 22.66 44.20
C GLU C 189 22.45 21.92 45.24
N LEU C 190 22.84 20.68 44.92
CA LEU C 190 23.40 19.76 45.91
C LEU C 190 24.90 19.68 45.80
N LEU C 191 25.53 20.82 45.98
CA LEU C 191 26.98 21.02 45.92
C LEU C 191 27.23 22.45 45.46
N PRO C 192 26.51 23.44 46.06
CA PRO C 192 26.43 24.82 45.58
C PRO C 192 27.80 25.44 45.29
N GLY C 193 28.27 25.23 44.05
CA GLY C 193 29.56 25.78 43.57
C GLY C 193 30.46 24.86 42.74
N ILE C 194 29.88 23.82 42.10
CA ILE C 194 30.60 22.95 41.15
C ILE C 194 30.90 23.63 39.80
N THR C 195 32.02 23.23 39.18
CA THR C 195 32.38 23.72 37.85
C THR C 195 32.18 22.64 36.77
N HIS C 196 32.12 23.09 35.53
CA HIS C 196 32.20 22.21 34.37
C HIS C 196 33.51 21.45 34.47
N GLU C 197 34.57 22.20 34.80
CA GLU C 197 35.94 21.73 34.92
C GLU C 197 36.11 20.57 35.92
N GLN C 198 35.45 20.66 37.05
CA GLN C 198 35.46 19.60 38.03
C GLN C 198 34.78 18.33 37.55
N VAL C 199 33.62 18.49 36.90
CA VAL C 199 32.85 17.33 36.47
C VAL C 199 33.50 16.65 35.27
N CYS C 200 34.21 17.43 34.46
CA CYS C 200 35.04 16.85 33.40
C CYS C 200 36.20 15.99 33.96
N GLU C 201 36.99 16.54 34.90
CA GLU C 201 38.01 15.78 35.65
C GLU C 201 37.47 14.55 36.31
N ALA C 202 36.37 14.68 37.04
CA ALA C 202 35.73 13.54 37.66
C ALA C 202 35.47 12.42 36.66
N ILE C 203 34.77 12.71 35.57
CA ILE C 203 34.42 11.70 34.54
C ILE C 203 35.64 11.06 33.88
N THR C 204 36.64 11.88 33.54
CA THR C 204 37.82 11.34 32.90
C THR C 204 38.58 10.41 33.86
N GLU C 205 38.75 10.86 35.12
CA GLU C 205 39.34 10.00 36.15
C GLU C 205 38.67 8.67 36.32
N ALA C 206 37.34 8.64 36.38
CA ALA C 206 36.60 7.36 36.42
C ALA C 206 36.65 6.54 35.10
N PHE C 207 36.75 7.25 33.95
CA PHE C 207 37.05 6.63 32.63
C PHE C 207 38.43 5.92 32.64
N PHE C 208 39.44 6.67 33.09
CA PHE C 208 40.81 6.18 33.25
C PHE C 208 40.83 5.02 34.25
N ALA C 209 40.28 5.26 35.46
CA ALA C 209 40.19 4.21 36.49
C ALA C 209 39.61 2.92 35.92
N HIS C 210 38.40 2.98 35.35
CA HIS C 210 37.75 1.79 34.79
C HIS C 210 38.64 0.99 33.84
N TYR C 211 39.38 1.66 32.95
CA TYR C 211 40.12 0.93 31.90
C TYR C 211 41.55 0.61 32.28
N GLY C 212 41.94 1.10 33.46
CA GLY C 212 43.30 0.99 33.95
C GLY C 212 44.26 1.48 32.90
N GLU C 213 44.15 2.77 32.56
CA GLU C 213 44.97 3.38 31.52
C GLU C 213 44.71 4.90 31.53
N ARG C 214 45.72 5.67 31.19
CA ARG C 214 45.53 7.10 31.01
C ARG C 214 45.92 7.38 29.60
N VAL C 215 45.44 8.51 29.09
CA VAL C 215 45.86 9.02 27.78
C VAL C 215 45.75 10.54 27.88
N GLU C 216 46.46 11.28 27.04
CA GLU C 216 46.30 12.74 27.08
C GLU C 216 45.05 13.20 26.26
N ALA C 217 44.39 14.25 26.74
CA ALA C 217 43.26 14.87 26.04
C ALA C 217 43.71 15.41 24.67
N GLU C 218 42.92 15.14 23.64
CA GLU C 218 42.98 15.91 22.41
C GLU C 218 42.01 17.07 22.55
N ILE C 219 42.52 18.28 22.69
CA ILE C 219 41.69 19.46 22.76
C ILE C 219 41.37 19.95 21.35
N ILE C 220 40.08 20.06 21.06
CA ILE C 220 39.58 20.24 19.69
C ILE C 220 38.66 21.44 19.55
N SER C 221 38.63 22.04 18.37
CA SER C 221 37.74 23.15 18.08
C SER C 221 37.64 23.27 16.57
N PRO C 222 36.80 24.16 16.01
CA PRO C 222 36.82 24.41 14.57
C PRO C 222 38.16 24.69 13.91
N ASN C 223 39.12 25.20 14.68
CA ASN C 223 40.46 25.59 14.17
C ASN C 223 41.57 24.60 14.49
N LYS C 224 41.23 23.55 15.24
CA LYS C 224 42.07 22.41 15.56
C LYS C 224 41.17 21.16 15.59
N THR C 225 40.80 20.68 14.43
CA THR C 225 39.76 19.69 14.36
C THR C 225 40.29 18.28 14.73
N PRO C 226 39.41 17.36 15.16
CA PRO C 226 39.92 16.04 15.54
C PRO C 226 40.22 15.19 14.29
N ASP C 227 41.08 14.19 14.46
CA ASP C 227 41.39 13.33 13.37
C ASP C 227 40.36 12.20 13.29
N LEU C 228 39.25 12.46 12.60
CA LEU C 228 38.13 11.54 12.45
C LEU C 228 37.86 11.59 10.97
N PRO C 229 37.58 10.44 10.37
CA PRO C 229 37.36 10.41 8.95
C PRO C 229 36.22 11.35 8.61
N ASN C 230 36.36 12.14 7.54
CA ASN C 230 35.24 12.86 6.97
C ASN C 230 34.68 13.96 7.89
N PHE C 231 35.54 14.43 8.79
CA PHE C 231 35.12 15.46 9.68
C PHE C 231 34.70 16.74 8.96
N ALA C 232 35.58 17.22 8.07
CA ALA C 232 35.31 18.45 7.32
C ALA C 232 33.93 18.48 6.57
N GLU C 233 33.56 17.43 5.83
CA GLU C 233 32.20 17.39 5.27
C GLU C 233 31.13 17.25 6.32
N THR C 234 31.35 16.42 7.33
CA THR C 234 30.36 16.33 8.43
C THR C 234 30.04 17.66 9.12
N PHE C 235 31.07 18.42 9.49
CA PHE C 235 30.92 19.72 10.13
C PHE C 235 30.28 20.76 9.19
N ALA C 236 30.70 20.75 7.92
CA ALA C 236 30.17 21.64 6.92
C ALA C 236 28.65 21.36 6.84
N ARG C 237 28.28 20.10 6.72
CA ARG C 237 26.89 19.74 6.64
C ARG C 237 26.07 20.05 7.91
N GLN C 238 26.62 19.75 9.08
CA GLN C 238 25.92 20.05 10.30
C GLN C 238 25.71 21.56 10.46
N SER C 239 26.58 22.36 9.85
CA SER C 239 26.56 23.81 9.97
C SER C 239 25.64 24.48 8.97
N SER C 240 25.18 23.73 7.96
CA SER C 240 24.53 24.39 6.86
C SER C 240 23.13 24.81 7.26
N TRP C 241 22.72 25.96 6.76
CA TRP C 241 21.34 26.45 6.86
C TRP C 241 20.25 25.42 6.36
N GLU C 242 20.52 24.82 5.20
CA GLU C 242 19.65 23.76 4.65
C GLU C 242 19.39 22.56 5.57
N TRP C 243 20.43 22.11 6.26
CA TRP C 243 20.23 21.00 7.17
C TRP C 243 19.48 21.51 8.41
N ASN C 244 19.92 22.61 9.00
CA ASN C 244 19.36 23.01 10.27
C ASN C 244 17.96 23.56 10.11
N PHE C 245 17.77 24.44 9.13
CA PHE C 245 16.47 25.06 8.92
C PHE C 245 15.63 24.35 7.86
N GLY C 246 16.14 24.34 6.64
CA GLY C 246 15.42 23.88 5.48
C GLY C 246 14.54 25.03 5.04
N GLN C 247 14.21 25.13 3.75
CA GLN C 247 13.18 26.04 3.25
C GLN C 247 11.82 25.63 3.83
N ALA C 248 11.03 26.59 4.25
CA ALA C 248 9.73 26.30 4.86
C ALA C 248 8.81 25.54 3.87
N PRO C 249 8.07 24.53 4.36
CA PRO C 249 7.14 23.76 3.49
C PRO C 249 6.07 24.65 2.86
N ALA C 250 5.86 24.49 1.55
CA ALA C 250 4.82 25.20 0.83
C ALA C 250 3.94 24.22 0.04
N PHE C 251 2.85 23.80 0.68
CA PHE C 251 1.88 22.88 0.12
C PHE C 251 0.50 23.52 0.32
N SER C 252 -0.53 23.04 -0.38
CA SER C 252 -1.86 23.62 -0.25
C SER C 252 -2.70 23.02 0.85
N HIS C 253 -2.39 21.79 1.29
CA HIS C 253 -3.12 21.17 2.36
C HIS C 253 -2.22 20.92 3.55
N LEU C 254 -2.82 20.90 4.72
CA LEU C 254 -2.14 20.57 5.97
C LEU C 254 -3.12 19.81 6.81
N LEU C 255 -2.78 18.58 7.20
CA LEU C 255 -3.48 17.84 8.25
C LEU C 255 -2.53 17.68 9.41
N ASP C 256 -2.95 17.95 10.65
CA ASP C 256 -2.05 17.76 11.81
C ASP C 256 -2.77 17.22 13.00
N GLU C 257 -2.07 16.40 13.79
CA GLU C 257 -2.61 15.81 15.00
C GLU C 257 -1.54 15.64 16.09
N ARG C 258 -2.00 15.60 17.35
CA ARG C 258 -1.10 15.37 18.48
C ARG C 258 -1.53 14.08 19.12
N PHE C 259 -0.56 13.19 19.29
CA PHE C 259 -0.74 11.85 19.82
C PHE C 259 0.10 11.74 21.09
N THR C 260 -0.12 10.70 21.88
CA THR C 260 0.71 10.56 23.05
C THR C 260 2.18 10.50 22.66
N TRP C 261 2.51 9.83 21.54
CA TRP C 261 3.91 9.51 21.21
C TRP C 261 4.55 10.63 20.33
N GLY C 262 3.73 11.61 19.96
CA GLY C 262 4.24 12.84 19.35
C GLY C 262 3.24 13.48 18.44
N GLY C 263 3.61 14.64 17.92
CA GLY C 263 2.80 15.34 16.94
C GLY C 263 3.26 15.01 15.51
N VAL C 264 2.33 15.16 14.55
CA VAL C 264 2.50 14.86 13.16
C VAL C 264 1.95 16.01 12.29
N GLU C 265 2.72 16.48 11.31
CA GLU C 265 2.14 17.34 10.28
C GLU C 265 2.30 16.73 8.90
N LEU C 266 1.19 16.53 8.23
CA LEU C 266 1.20 16.13 6.87
C LEU C 266 0.91 17.31 5.93
N HIS C 267 1.89 17.73 5.14
CA HIS C 267 1.74 18.76 4.14
C HIS C 267 1.64 18.10 2.79
N PHE C 268 0.74 18.56 1.94
CA PHE C 268 0.49 17.88 0.69
C PHE C 268 -0.29 18.70 -0.31
N ASP C 269 -0.10 18.35 -1.58
CA ASP C 269 -0.85 18.88 -2.69
C ASP C 269 -1.68 17.71 -3.24
N VAL C 270 -2.88 18.04 -3.70
CA VAL C 270 -3.71 17.08 -4.39
C VAL C 270 -4.05 17.59 -5.81
N GLU C 271 -3.79 16.78 -6.83
CA GLU C 271 -4.30 17.12 -8.18
C GLU C 271 -4.90 15.93 -8.81
N LYS C 272 -6.08 16.10 -9.40
CA LYS C 272 -6.72 15.01 -10.11
C LYS C 272 -6.91 13.77 -9.16
N GLY C 273 -7.29 14.00 -7.91
CA GLY C 273 -7.65 12.92 -7.02
C GLY C 273 -6.49 12.18 -6.39
N HIS C 274 -5.25 12.62 -6.66
CA HIS C 274 -4.05 12.02 -6.09
C HIS C 274 -3.09 12.98 -5.46
N ILE C 275 -2.36 12.54 -4.43
CA ILE C 275 -1.30 13.32 -3.84
C ILE C 275 -0.17 13.46 -4.86
N THR C 276 0.14 14.71 -5.24
CA THR C 276 1.24 14.98 -6.13
C THR C 276 2.58 15.19 -5.43
N ARG C 277 2.53 15.56 -4.14
CA ARG C 277 3.75 15.71 -3.33
C ARG C 277 3.32 15.81 -1.89
N ALA C 278 4.11 15.29 -0.96
CA ALA C 278 3.83 15.43 0.43
C ALA C 278 5.10 15.44 1.24
N GLN C 279 5.00 16.04 2.42
CA GLN C 279 6.05 16.02 3.38
C GLN C 279 5.45 15.91 4.84
N VAL C 280 6.05 15.07 5.67
CA VAL C 280 5.57 14.72 6.99
C VAL C 280 6.67 15.11 7.98
N PHE C 281 6.29 15.90 9.00
CA PHE C 281 7.14 16.31 10.12
C PHE C 281 6.57 15.68 11.37
N THR C 282 7.49 15.44 12.32
CA THR C 282 7.15 14.88 13.63
C THR C 282 8.23 15.12 14.71
N ASP C 283 7.80 15.24 15.97
CA ASP C 283 8.73 15.14 17.11
C ASP C 283 8.72 13.73 17.73
N SER C 284 8.12 12.77 17.04
CA SER C 284 8.18 11.40 17.49
C SER C 284 9.64 10.99 17.77
N LEU C 285 9.86 10.20 18.83
CA LEU C 285 11.19 9.66 19.12
C LEU C 285 11.69 8.69 18.02
N ASN C 286 10.77 8.08 17.28
CA ASN C 286 11.13 7.19 16.20
C ASN C 286 10.47 7.67 14.93
N PRO C 287 11.04 8.71 14.24
CA PRO C 287 10.35 9.28 13.08
C PRO C 287 10.32 8.38 11.84
N ALA C 288 11.09 7.28 11.87
CA ALA C 288 11.36 6.51 10.65
C ALA C 288 10.08 5.97 9.94
N PRO C 289 9.09 5.46 10.73
CA PRO C 289 7.88 5.02 9.97
C PRO C 289 7.08 6.22 9.43
N LEU C 290 7.15 7.34 10.12
CA LEU C 290 6.55 8.56 9.61
C LEU C 290 7.23 9.07 8.36
N GLU C 291 8.57 8.93 8.28
CA GLU C 291 9.34 9.25 7.05
C GLU C 291 9.01 8.29 5.89
N ALA C 292 8.94 7.00 6.19
CA ALA C 292 8.53 6.00 5.22
C ALA C 292 7.10 6.25 4.79
N LEU C 293 6.23 6.58 5.76
CA LEU C 293 4.85 6.96 5.38
C LEU C 293 4.88 8.08 4.36
N ALA C 294 5.62 9.16 4.56
CA ALA C 294 5.78 10.19 3.54
C ALA C 294 6.24 9.66 2.15
N GLY C 295 7.17 8.70 2.09
CA GLY C 295 7.54 8.06 0.83
C GLY C 295 6.38 7.29 0.15
N ARG C 296 5.49 6.69 0.95
CA ARG C 296 4.39 5.91 0.40
C ARG C 296 3.13 6.72 0.03
N LEU C 297 3.03 7.97 0.49
CA LEU C 297 1.94 8.88 0.13
C LEU C 297 2.10 9.54 -1.23
N GLN C 298 3.32 9.54 -1.78
CA GLN C 298 3.53 10.14 -3.11
C GLN C 298 2.68 9.41 -4.14
N GLY C 299 1.84 10.11 -4.86
CA GLY C 299 1.08 9.46 -5.92
C GLY C 299 -0.19 8.81 -5.42
N CYS C 300 -0.41 8.78 -4.10
CA CYS C 300 -1.55 8.06 -3.46
C CYS C 300 -2.94 8.62 -3.85
N LEU C 301 -3.88 7.76 -4.19
CA LEU C 301 -5.26 8.26 -4.33
C LEU C 301 -5.61 9.04 -3.04
N TYR C 302 -6.15 10.25 -3.17
CA TYR C 302 -6.51 11.04 -2.00
C TYR C 302 -7.86 10.58 -1.42
N ARG C 303 -7.79 9.48 -0.69
CA ARG C 303 -8.99 8.87 -0.13
C ARG C 303 -8.56 8.05 1.09
N ALA C 304 -9.34 8.12 2.17
CA ALA C 304 -9.00 7.50 3.47
C ALA C 304 -8.55 6.03 3.40
N ASP C 305 -9.20 5.22 2.57
CA ASP C 305 -8.90 3.79 2.49
C ASP C 305 -7.48 3.59 1.94
N LEU C 307 -4.85 6.07 1.90
CA LEU C 307 -3.95 6.54 2.93
C LEU C 307 -3.71 5.49 4.01
N GLN C 308 -4.76 4.87 4.51
CA GLN C 308 -4.61 3.80 5.53
C GLN C 308 -3.89 2.56 4.99
N GLN C 309 -4.27 2.07 3.82
CA GLN C 309 -3.51 0.98 3.17
C GLN C 309 -1.97 1.25 3.14
N GLU C 310 -1.58 2.44 2.70
CA GLU C 310 -0.19 2.78 2.53
C GLU C 310 0.48 2.79 3.90
N CYS C 311 -0.24 3.36 4.86
CA CYS C 311 0.22 3.47 6.21
C CYS C 311 0.41 2.10 6.86
N GLU C 312 -0.56 1.23 6.71
CA GLU C 312 -0.49 -0.03 7.35
C GLU C 312 0.40 -1.02 6.63
N ALA C 313 0.64 -0.85 5.33
CA ALA C 313 1.61 -1.69 4.61
C ALA C 313 2.99 -1.66 5.29
N LEU C 314 3.29 -0.56 5.98
CA LEU C 314 4.57 -0.41 6.68
C LEU C 314 4.74 -1.32 7.91
N LEU C 315 3.63 -1.85 8.42
CA LEU C 315 3.68 -2.62 9.66
C LEU C 315 4.69 -3.76 9.73
N VAL C 316 4.76 -4.56 8.66
CA VAL C 316 5.71 -5.62 8.63
C VAL C 316 7.15 -5.13 8.95
N ASP C 317 7.49 -3.87 8.63
CA ASP C 317 8.87 -3.47 8.85
C ASP C 317 9.11 -2.66 10.12
N PHE C 318 8.02 -2.36 10.84
CA PHE C 318 8.07 -1.53 12.04
C PHE C 318 7.25 -2.18 13.18
N PRO C 319 7.58 -3.44 13.55
CA PRO C 319 6.86 -4.10 14.66
C PRO C 319 6.92 -3.28 16.00
N GLU C 320 8.04 -2.65 16.35
CA GLU C 320 8.04 -1.89 17.60
C GLU C 320 7.20 -0.62 17.53
N GLN C 321 6.71 -0.26 16.36
CA GLN C 321 5.91 0.97 16.24
C GLN C 321 4.49 0.66 15.74
N GLU C 322 3.99 -0.52 16.08
CA GLU C 322 2.64 -0.92 15.76
C GLU C 322 1.59 0.12 16.16
N LYS C 323 1.77 0.78 17.31
CA LYS C 323 0.73 1.62 17.86
C LYS C 323 0.69 2.98 17.20
N GLU C 324 1.85 3.58 17.04
CA GLU C 324 2.03 4.71 16.17
C GLU C 324 1.34 4.52 14.82
N LEU C 325 1.63 3.39 14.16
CA LEU C 325 1.05 3.16 12.82
C LEU C 325 -0.46 3.03 12.91
N ARG C 326 -0.95 2.31 13.92
CA ARG C 326 -2.39 2.06 14.04
C ARG C 326 -3.19 3.32 14.35
N GLU C 327 -2.59 4.23 15.12
CA GLU C 327 -3.27 5.46 15.49
C GLU C 327 -3.22 6.47 14.39
N LEU C 328 -2.11 6.49 13.67
CA LEU C 328 -2.00 7.32 12.47
C LEU C 328 -3.04 6.94 11.48
N SER C 329 -3.15 5.64 11.23
CA SER C 329 -4.16 5.14 10.30
C SER C 329 -5.59 5.62 10.66
N ALA C 330 -5.98 5.43 11.93
CA ALA C 330 -7.31 5.83 12.44
C ALA C 330 -7.49 7.34 12.48
N TRP C 331 -6.43 8.09 12.77
CA TRP C 331 -6.52 9.52 12.61
C TRP C 331 -6.82 9.94 11.14
N ALA C 333 -8.33 8.00 8.63
CA ALA C 333 -9.74 7.67 8.39
C ALA C 333 -10.66 8.90 8.66
N GLY C 334 -10.46 9.56 9.81
CA GLY C 334 -11.32 10.65 10.24
C GLY C 334 -10.97 11.94 9.55
N ALA C 335 -9.68 12.23 9.49
CA ALA C 335 -9.15 13.54 9.09
C ALA C 335 -9.27 13.80 7.59
N VAL C 336 -9.15 12.74 6.80
CA VAL C 336 -9.07 12.85 5.35
C VAL C 336 -10.45 12.91 4.73
N ARG C 337 -10.89 14.13 4.45
CA ARG C 337 -12.14 14.38 3.77
C ARG C 337 -11.79 14.87 2.36
#